data_4PNS
#
_entry.id   4PNS
#
_cell.length_a   73.920
_cell.length_b   79.500
_cell.length_c   153.610
_cell.angle_alpha   90.000
_cell.angle_beta   90.000
_cell.angle_gamma   90.000
#
_symmetry.space_group_name_H-M   'P 21 21 21'
#
loop_
_entity.id
_entity.type
_entity.pdbx_description
1 polymer Tankyrase-2
2 non-polymer 'ZINC ION'
3 non-polymer 6-amino-5-iodo-2H-chromen-2-one
4 non-polymer GLYCEROL
5 water water
#
_entity_poly.entity_id   1
_entity_poly.type   'polypeptide(L)'
_entity_poly.pdbx_seq_one_letter_code
;MGSSHHHHHHSSGRENLYFQGSPDDKEFQSVEEEMQSTVREHRDGGHAGGIFNRYNILKIQKVCNKKLWERYTHRRKEVS
EENHNHANERMLFHGSPFVNAIIHKGFDERHAYIGGMFGAGIYFAENSSKSNQYVYGIGGGTGCPVHKDRSCYICHRQLL
FCRVTLGKSFLQFSAMKMAHSPPGHHSVTGRPSVNGLALAEYVIYRGEQAYPEYLITYQIMRPEGMV
;
_entity_poly.pdbx_strand_id   A,B,C,D
#
loop_
_chem_comp.id
_chem_comp.type
_chem_comp.name
_chem_comp.formula
32Y non-polymer 6-amino-5-iodo-2H-chromen-2-one 'C9 H6 I N O2'
GOL non-polymer GLYCEROL 'C3 H8 O3'
ZN non-polymer 'ZINC ION' 'Zn 2'
#
# COMPACT_ATOMS: atom_id res chain seq x y z
N ASP A 25 -0.11 50.62 12.23
CA ASP A 25 -1.12 49.57 12.15
C ASP A 25 -1.59 49.13 13.56
N LYS A 26 -2.91 49.28 13.84
CA LYS A 26 -3.55 48.94 15.11
C LYS A 26 -3.60 47.42 15.36
N GLU A 27 -3.87 46.65 14.30
CA GLU A 27 -3.93 45.18 14.29
C GLU A 27 -2.59 44.58 14.76
N PHE A 28 -1.49 45.14 14.25
CA PHE A 28 -0.14 44.71 14.56
C PHE A 28 0.33 45.19 15.96
N GLN A 29 -0.11 46.40 16.40
CA GLN A 29 0.16 46.92 17.75
C GLN A 29 -0.61 46.04 18.76
N SER A 30 -1.80 45.54 18.37
CA SER A 30 -2.61 44.66 19.21
C SER A 30 -1.84 43.33 19.48
N VAL A 31 -1.18 42.80 18.43
CA VAL A 31 -0.40 41.55 18.52
C VAL A 31 0.83 41.80 19.39
N GLU A 32 1.54 42.93 19.20
CA GLU A 32 2.69 43.26 20.04
C GLU A 32 2.26 43.36 21.52
N GLU A 33 1.13 44.02 21.79
CA GLU A 33 0.62 44.17 23.17
C GLU A 33 0.32 42.80 23.79
N GLU A 34 -0.30 41.89 23.03
CA GLU A 34 -0.60 40.54 23.55
C GLU A 34 0.70 39.80 23.86
N MET A 35 1.68 39.94 22.98
CA MET A 35 2.98 39.31 23.14
C MET A 35 3.65 39.83 24.45
N GLN A 36 3.75 41.17 24.60
CA GLN A 36 4.39 41.73 25.78
C GLN A 36 3.66 41.53 27.10
N SER A 37 2.33 41.78 27.11
CA SER A 37 1.55 41.77 28.34
C SER A 37 1.33 40.38 28.96
N THR A 38 1.52 39.31 28.17
CA THR A 38 1.28 37.95 28.66
C THR A 38 2.53 37.25 29.16
N VAL A 39 3.65 37.98 29.21
CA VAL A 39 4.90 37.45 29.78
C VAL A 39 4.69 37.22 31.28
N ARG A 40 5.20 36.11 31.78
CA ARG A 40 5.15 35.75 33.20
C ARG A 40 6.53 35.29 33.64
N GLU A 41 6.75 35.27 34.97
CA GLU A 41 7.99 34.77 35.54
C GLU A 41 7.82 33.26 35.58
N HIS A 42 8.78 32.53 35.00
CA HIS A 42 8.68 31.08 34.98
C HIS A 42 9.34 30.40 36.16
N ARG A 43 8.69 29.30 36.61
CA ARG A 43 9.13 28.47 37.75
C ARG A 43 10.54 27.90 37.58
N ASP A 44 10.95 27.62 36.32
CA ASP A 44 12.28 27.08 36.01
C ASP A 44 13.40 28.15 36.05
N GLY A 45 13.07 29.37 36.48
CA GLY A 45 14.02 30.49 36.59
C GLY A 45 14.63 30.93 35.27
N GLY A 46 13.94 30.62 34.16
CA GLY A 46 14.41 30.99 32.82
C GLY A 46 15.24 29.90 32.13
N HIS A 47 15.33 28.71 32.74
CA HIS A 47 16.10 27.60 32.19
C HIS A 47 15.75 27.30 30.73
N ALA A 48 14.47 27.05 30.45
CA ALA A 48 14.01 26.69 29.10
C ALA A 48 14.02 27.83 28.08
N GLY A 49 13.44 28.96 28.44
CA GLY A 49 13.26 30.06 27.50
C GLY A 49 14.15 31.26 27.61
N GLY A 50 14.95 31.34 28.68
CA GLY A 50 15.84 32.48 28.89
C GLY A 50 15.32 33.42 29.95
N ILE A 51 16.17 34.36 30.35
CA ILE A 51 15.85 35.34 31.40
C ILE A 51 15.50 36.66 30.74
N PHE A 52 14.26 37.13 30.96
CA PHE A 52 13.74 38.35 30.37
C PHE A 52 12.41 38.73 30.98
N ASN A 53 12.06 40.01 30.88
CA ASN A 53 10.75 40.52 31.31
C ASN A 53 9.99 41.03 30.08
N ARG A 54 10.70 41.32 28.98
CA ARG A 54 10.04 41.79 27.75
C ARG A 54 10.80 41.34 26.51
N TYR A 55 10.23 41.60 25.34
CA TYR A 55 10.86 41.27 24.07
C TYR A 55 11.19 42.54 23.28
N ASN A 56 12.09 42.39 22.31
CA ASN A 56 12.29 43.36 21.26
C ASN A 56 11.55 42.73 20.05
N ILE A 57 10.35 43.26 19.70
CA ILE A 57 9.58 42.75 18.58
C ILE A 57 10.13 43.36 17.29
N LEU A 58 10.65 42.49 16.39
CA LEU A 58 11.29 42.94 15.15
C LEU A 58 10.35 43.03 13.99
N LYS A 59 9.48 42.03 13.83
CA LYS A 59 8.57 41.96 12.71
C LYS A 59 7.34 41.16 13.09
N ILE A 60 6.20 41.55 12.53
CA ILE A 60 4.96 40.81 12.68
C ILE A 60 4.40 40.70 11.27
N GLN A 61 4.25 39.47 10.80
CA GLN A 61 3.77 39.24 9.45
C GLN A 61 2.46 38.46 9.54
N LYS A 62 1.47 38.87 8.75
CA LYS A 62 0.20 38.15 8.70
C LYS A 62 0.39 37.05 7.66
N VAL A 63 0.03 35.81 8.02
CA VAL A 63 0.18 34.66 7.15
C VAL A 63 -1.12 34.53 6.36
N CYS A 64 -1.01 34.52 5.05
CA CYS A 64 -2.14 34.41 4.14
C CYS A 64 -1.95 33.16 3.31
N ASN A 65 -2.47 32.05 3.80
CA ASN A 65 -2.38 30.77 3.11
C ASN A 65 -3.83 30.34 2.93
N LYS A 66 -4.38 30.58 1.72
CA LYS A 66 -5.79 30.29 1.42
C LYS A 66 -6.23 28.86 1.66
N LYS A 67 -5.42 27.89 1.20
CA LYS A 67 -5.71 26.46 1.40
C LYS A 67 -5.80 26.12 2.89
N LEU A 68 -4.84 26.63 3.72
CA LEU A 68 -4.87 26.38 5.18
C LEU A 68 -6.03 27.08 5.84
N TRP A 69 -6.34 28.32 5.39
CA TRP A 69 -7.47 29.09 5.94
C TRP A 69 -8.78 28.37 5.70
N GLU A 70 -8.98 27.82 4.52
CA GLU A 70 -10.22 27.12 4.27
C GLU A 70 -10.33 25.79 5.00
N ARG A 71 -9.19 25.11 5.18
CA ARG A 71 -9.19 23.87 5.96
C ARG A 71 -9.61 24.22 7.39
N TYR A 72 -9.09 25.35 7.89
CA TYR A 72 -9.41 25.84 9.22
C TYR A 72 -10.88 26.25 9.34
N THR A 73 -11.37 27.11 8.44
CA THR A 73 -12.78 27.58 8.51
C THR A 73 -13.80 26.46 8.29
N HIS A 74 -13.45 25.46 7.45
CA HIS A 74 -14.33 24.33 7.23
C HIS A 74 -14.49 23.55 8.54
N ARG A 75 -13.39 23.29 9.23
CA ARG A 75 -13.42 22.58 10.50
C ARG A 75 -14.13 23.43 11.57
N ARG A 76 -13.85 24.74 11.59
CA ARG A 76 -14.44 25.66 12.57
C ARG A 76 -15.98 25.63 12.49
N LYS A 77 -16.54 25.61 11.29
CA LYS A 77 -17.99 25.53 11.07
C LYS A 77 -18.55 24.21 11.65
N GLU A 78 -17.85 23.08 11.37
CA GLU A 78 -18.25 21.74 11.88
C GLU A 78 -18.26 21.72 13.39
N VAL A 79 -17.17 22.27 14.02
CA VAL A 79 -17.06 22.30 15.46
C VAL A 79 -18.20 23.17 16.04
N SER A 80 -18.43 24.38 15.46
CA SER A 80 -19.49 25.28 15.91
C SER A 80 -20.85 24.55 15.90
N GLU A 81 -21.15 23.80 14.84
CA GLU A 81 -22.41 23.05 14.74
C GLU A 81 -22.53 21.96 15.82
N GLU A 82 -21.41 21.43 16.28
CA GLU A 82 -21.34 20.41 17.35
C GLU A 82 -21.19 21.04 18.75
N ASN A 83 -21.16 22.37 18.83
CA ASN A 83 -20.96 23.06 20.10
C ASN A 83 -21.95 24.22 20.33
N HIS A 84 -23.25 23.96 20.15
CA HIS A 84 -24.28 24.97 20.37
C HIS A 84 -24.01 26.28 19.53
N ASN A 85 -23.65 26.14 18.21
CA ASN A 85 -23.41 27.26 17.26
C ASN A 85 -22.28 28.21 17.72
N HIS A 86 -21.26 27.63 18.39
CA HIS A 86 -20.16 28.36 18.98
C HIS A 86 -18.81 27.64 18.75
N ALA A 87 -17.91 28.29 18.02
CA ALA A 87 -16.62 27.67 17.73
C ALA A 87 -15.70 27.65 18.95
N ASN A 88 -15.89 28.61 19.89
CA ASN A 88 -15.01 28.81 21.05
C ASN A 88 -13.57 29.01 20.53
N GLU A 89 -13.43 29.99 19.63
CA GLU A 89 -12.13 30.31 19.04
C GLU A 89 -11.35 31.22 19.97
N ARG A 90 -10.05 30.98 20.06
CA ARG A 90 -9.17 31.86 20.86
C ARG A 90 -7.91 32.14 20.07
N MET A 91 -7.30 33.30 20.34
CA MET A 91 -5.99 33.64 19.76
C MET A 91 -4.97 33.18 20.79
N LEU A 92 -4.12 32.22 20.39
CA LEU A 92 -3.14 31.62 21.31
C LEU A 92 -1.77 31.51 20.68
N PHE A 93 -0.74 31.49 21.51
CA PHE A 93 0.63 31.39 21.02
C PHE A 93 1.08 29.95 20.81
N HIS A 94 2.02 29.75 19.88
CA HIS A 94 2.63 28.44 19.66
C HIS A 94 4.11 28.65 19.36
N GLY A 95 4.97 27.95 20.08
CA GLY A 95 6.40 28.01 19.82
C GLY A 95 6.88 26.65 19.34
N SER A 96 7.72 26.67 18.30
CA SER A 96 8.22 25.45 17.67
C SER A 96 9.45 25.72 16.84
N PRO A 97 10.40 24.78 16.76
CA PRO A 97 11.50 24.93 15.79
C PRO A 97 11.00 24.77 14.34
N PHE A 98 9.74 24.33 14.15
CA PHE A 98 9.20 24.05 12.81
C PHE A 98 8.16 25.06 12.30
N VAL A 99 8.26 26.32 12.73
CA VAL A 99 7.34 27.38 12.32
C VAL A 99 7.22 27.53 10.78
N ASN A 100 8.34 27.40 10.04
CA ASN A 100 8.35 27.50 8.57
CA ASN A 100 8.28 27.55 8.61
C ASN A 100 7.50 26.40 7.93
N ALA A 101 7.64 25.15 8.43
CA ALA A 101 6.84 24.06 7.91
C ALA A 101 5.37 24.30 8.25
N ILE A 102 5.08 24.82 9.47
CA ILE A 102 3.69 25.08 9.87
C ILE A 102 3.00 26.13 8.98
N ILE A 103 3.70 27.23 8.68
CA ILE A 103 3.07 28.28 7.87
C ILE A 103 2.82 27.83 6.43
N HIS A 104 3.56 26.84 5.94
CA HIS A 104 3.38 26.30 4.59
C HIS A 104 2.42 25.11 4.54
N LYS A 105 2.55 24.16 5.48
CA LYS A 105 1.78 22.92 5.46
C LYS A 105 0.67 22.86 6.50
N GLY A 106 0.69 23.76 7.49
CA GLY A 106 -0.27 23.80 8.58
C GLY A 106 0.15 22.95 9.76
N PHE A 107 -0.63 22.99 10.83
CA PHE A 107 -0.40 22.14 11.99
C PHE A 107 -0.76 20.72 11.61
N ASP A 108 0.00 19.78 12.17
CA ASP A 108 -0.14 18.40 11.77
C ASP A 108 -0.05 17.51 12.98
N GLU A 109 -1.21 16.92 13.40
CA GLU A 109 -1.24 16.02 14.55
C GLU A 109 -0.37 14.77 14.36
N ARG A 110 -0.01 14.43 13.10
CA ARG A 110 0.83 13.25 12.87
C ARG A 110 2.24 13.47 13.43
N HIS A 111 2.60 14.73 13.70
CA HIS A 111 3.91 15.08 14.30
C HIS A 111 3.81 15.20 15.82
N ALA A 112 2.63 14.88 16.38
CA ALA A 112 2.37 14.84 17.83
C ALA A 112 2.47 13.40 18.33
N GLY A 115 3.61 11.79 24.13
CA GLY A 115 4.26 12.47 25.20
C GLY A 115 3.70 13.89 25.23
N GLY A 116 3.66 14.42 26.42
CA GLY A 116 2.99 15.66 26.66
C GLY A 116 2.11 15.24 27.81
N MET A 117 1.88 16.17 28.69
CA MET A 117 0.95 16.05 29.83
C MET A 117 -0.45 15.59 29.41
N PHE A 118 -0.91 16.06 28.22
CA PHE A 118 -2.23 15.71 27.68
C PHE A 118 -2.14 14.84 26.44
N GLY A 119 -1.03 14.13 26.31
CA GLY A 119 -0.83 13.18 25.23
C GLY A 119 -0.51 13.79 23.88
N ALA A 120 -0.88 13.07 22.84
CA ALA A 120 -0.55 13.35 21.43
C ALA A 120 -1.33 14.46 20.77
N GLY A 121 -1.19 15.65 21.33
CA GLY A 121 -1.85 16.83 20.80
C GLY A 121 -0.89 17.91 20.37
N ILE A 122 -1.47 19.01 19.91
CA ILE A 122 -0.76 20.21 19.48
C ILE A 122 -1.08 21.22 20.58
N TYR A 123 -0.03 21.77 21.18
CA TYR A 123 -0.14 22.60 22.37
C TYR A 123 0.02 24.07 22.12
N PHE A 124 -0.85 24.86 22.80
CA PHE A 124 -0.86 26.31 22.68
C PHE A 124 -0.91 26.93 24.07
N ALA A 125 -0.47 28.17 24.17
CA ALA A 125 -0.45 28.90 25.42
C ALA A 125 -1.12 30.26 25.28
N GLU A 126 -1.72 30.75 26.37
CA GLU A 126 -2.21 32.14 26.38
C GLU A 126 -1.13 33.09 26.87
N ASN A 127 0.02 32.55 27.35
CA ASN A 127 1.17 33.37 27.80
C ASN A 127 2.29 33.21 26.79
N SER A 128 2.68 34.31 26.11
CA SER A 128 3.74 34.25 25.09
C SER A 128 5.05 33.62 25.65
N SER A 129 5.41 33.94 26.91
CA SER A 129 6.65 33.43 27.50
C SER A 129 6.62 31.91 27.71
N LYS A 130 5.42 31.31 27.83
CA LYS A 130 5.33 29.86 27.94
C LYS A 130 5.67 29.25 26.56
N SER A 131 5.09 29.81 25.47
CA SER A 131 5.39 29.37 24.10
C SER A 131 6.85 29.57 23.75
N ASN A 132 7.45 30.65 24.25
CA ASN A 132 8.86 30.95 24.02
C ASN A 132 9.77 29.80 24.55
N GLN A 133 9.32 29.04 25.57
CA GLN A 133 10.10 27.92 26.13
C GLN A 133 10.24 26.75 25.14
N TYR A 134 9.44 26.77 24.05
CA TYR A 134 9.42 25.69 23.06
C TYR A 134 10.02 26.01 21.71
N VAL A 135 10.43 27.30 21.52
CA VAL A 135 10.95 27.74 20.23
C VAL A 135 12.18 26.94 19.77
N TYR A 136 13.08 26.60 20.70
CA TYR A 136 14.29 25.85 20.34
C TYR A 136 14.21 24.35 20.64
N GLY A 137 13.02 23.88 20.98
CA GLY A 137 12.78 22.48 21.31
C GLY A 137 12.13 22.30 22.66
N ILE A 138 11.91 21.04 23.04
CA ILE A 138 11.29 20.72 24.33
C ILE A 138 12.27 21.10 25.44
N GLY A 139 11.77 21.92 26.38
CA GLY A 139 12.59 22.47 27.45
C GLY A 139 13.63 23.44 26.93
N GLY A 140 13.39 24.01 25.75
CA GLY A 140 14.32 24.93 25.10
C GLY A 140 15.44 24.25 24.33
N GLY A 141 15.45 22.91 24.30
CA GLY A 141 16.49 22.14 23.63
C GLY A 141 17.87 22.54 24.07
N THR A 142 18.79 22.79 23.11
CA THR A 142 20.13 23.30 23.41
C THR A 142 20.22 24.78 23.05
N GLY A 143 19.07 25.44 22.93
CA GLY A 143 19.03 26.87 22.62
C GLY A 143 19.25 27.18 21.17
N CYS A 144 19.70 28.42 20.88
CA CYS A 144 19.88 28.89 19.51
C CYS A 144 20.90 28.04 18.71
N PRO A 145 20.72 27.86 17.39
CA PRO A 145 21.71 27.07 16.63
C PRO A 145 23.14 27.63 16.62
N VAL A 146 23.32 28.97 16.62
CA VAL A 146 24.63 29.63 16.57
C VAL A 146 25.43 29.58 17.87
N HIS A 147 24.81 29.93 19.01
CA HIS A 147 25.50 30.03 20.29
C HIS A 147 25.18 28.92 21.30
N LYS A 148 24.23 28.02 21.00
CA LYS A 148 23.77 26.94 21.88
C LYS A 148 23.39 27.54 23.26
N ASP A 149 22.63 28.64 23.22
CA ASP A 149 22.23 29.39 24.40
C ASP A 149 20.72 29.53 24.44
N ARG A 150 20.07 28.91 25.46
CA ARG A 150 18.60 29.00 25.64
C ARG A 150 18.19 30.43 25.99
N SER A 151 19.13 31.22 26.54
CA SER A 151 18.89 32.63 26.89
C SER A 151 19.54 33.60 25.93
N CYS A 152 19.75 33.19 24.67
CA CYS A 152 20.38 34.06 23.68
C CYS A 152 19.59 35.33 23.47
N TYR A 153 20.26 36.48 23.57
CA TYR A 153 19.67 37.81 23.37
C TYR A 153 20.02 38.31 21.98
N ILE A 154 20.89 37.58 21.26
CA ILE A 154 21.36 37.98 19.94
C ILE A 154 20.50 37.40 18.82
N CYS A 155 20.30 36.08 18.83
CA CYS A 155 19.57 35.39 17.78
C CYS A 155 18.08 35.72 17.77
N HIS A 156 17.55 35.87 16.56
CA HIS A 156 16.15 36.23 16.39
C HIS A 156 15.32 34.95 16.49
N ARG A 157 14.26 35.01 17.27
CA ARG A 157 13.33 33.91 17.49
C ARG A 157 12.05 34.14 16.73
N GLN A 158 11.28 33.07 16.52
CA GLN A 158 9.98 33.23 15.88
C GLN A 158 8.93 32.46 16.67
N LEU A 159 7.77 33.07 16.84
CA LEU A 159 6.61 32.47 17.55
C LEU A 159 5.44 32.66 16.62
N LEU A 160 4.42 31.81 16.76
CA LEU A 160 3.20 32.01 16.01
C LEU A 160 2.10 32.47 16.95
N PHE A 161 1.22 33.36 16.48
CA PHE A 161 0.03 33.81 17.22
C PHE A 161 -1.11 33.31 16.34
N CYS A 162 -1.84 32.33 16.87
CA CYS A 162 -2.76 31.47 16.12
C CYS A 162 -4.20 31.60 16.43
N ARG A 163 -5.04 31.37 15.41
CA ARG A 163 -6.48 31.24 15.64
C ARG A 163 -6.68 29.75 15.99
N VAL A 164 -7.26 29.46 17.16
CA VAL A 164 -7.44 28.06 17.59
C VAL A 164 -8.89 27.81 17.91
N THR A 165 -9.48 26.79 17.31
CA THR A 165 -10.85 26.41 17.59
C THR A 165 -10.83 25.40 18.72
N LEU A 166 -11.38 25.77 19.88
CA LEU A 166 -11.41 24.88 21.03
C LEU A 166 -12.70 24.06 21.11
N GLY A 167 -13.77 24.58 20.53
CA GLY A 167 -15.09 23.95 20.63
C GLY A 167 -15.45 23.64 22.06
N LYS A 168 -15.99 22.42 22.29
CA LYS A 168 -16.34 21.99 23.65
C LYS A 168 -15.03 21.47 24.24
N SER A 169 -14.45 22.28 25.14
CA SER A 169 -13.10 21.99 25.67
C SER A 169 -13.17 21.27 26.98
N PHE A 170 -12.47 20.14 27.08
CA PHE A 170 -12.46 19.30 28.27
C PHE A 170 -11.49 19.90 29.29
N LEU A 171 -12.01 20.38 30.45
CA LEU A 171 -11.14 20.98 31.47
C LEU A 171 -10.44 19.90 32.30
N GLN A 172 -9.09 19.98 32.41
CA GLN A 172 -8.29 18.99 33.14
C GLN A 172 -7.18 19.67 33.94
N PHE A 173 -6.90 19.12 35.12
CA PHE A 173 -5.85 19.66 35.99
C PHE A 173 -4.64 18.76 36.01
N SER A 174 -4.84 17.44 36.03
CA SER A 174 -3.73 16.51 36.11
C SER A 174 -3.47 15.84 34.76
N ALA A 175 -2.31 15.18 34.61
CA ALA A 175 -1.91 14.48 33.38
C ALA A 175 -3.01 13.53 32.93
N MET A 176 -3.30 13.55 31.63
CA MET A 176 -4.33 12.73 31.03
C MET A 176 -3.81 12.48 29.60
N LYS A 177 -3.02 11.42 29.42
CA LYS A 177 -2.40 11.05 28.13
C LYS A 177 -3.49 10.58 27.16
N MET A 178 -3.91 11.49 26.27
CA MET A 178 -4.95 11.23 25.28
C MET A 178 -4.29 11.01 23.92
N ALA A 179 -4.96 10.24 23.05
CA ALA A 179 -4.52 10.13 21.67
C ALA A 179 -5.39 11.14 20.89
N HIS A 180 -6.64 11.31 21.31
CA HIS A 180 -7.63 12.17 20.62
C HIS A 180 -8.37 12.99 21.65
N SER A 181 -9.24 13.91 21.22
CA SER A 181 -10.08 14.65 22.17
C SER A 181 -10.93 13.63 22.94
N PRO A 182 -11.29 13.96 24.20
CA PRO A 182 -12.20 13.10 24.94
C PRO A 182 -13.55 12.99 24.20
N PRO A 183 -14.28 11.87 24.37
CA PRO A 183 -15.59 11.74 23.69
C PRO A 183 -16.45 13.00 23.86
N GLY A 184 -17.10 13.41 22.78
CA GLY A 184 -17.97 14.60 22.76
C GLY A 184 -17.28 15.95 22.85
N HIS A 185 -15.94 15.96 22.87
CA HIS A 185 -15.16 17.20 23.00
C HIS A 185 -14.30 17.47 21.77
N HIS A 186 -13.75 18.68 21.67
CA HIS A 186 -12.95 19.12 20.52
C HIS A 186 -11.55 19.57 20.91
N SER A 187 -11.23 19.59 22.19
CA SER A 187 -9.92 20.05 22.71
C SER A 187 -9.84 19.75 24.19
N VAL A 188 -8.68 20.00 24.77
CA VAL A 188 -8.44 19.87 26.20
C VAL A 188 -7.87 21.18 26.67
N THR A 189 -8.38 21.69 27.82
CA THR A 189 -7.80 22.87 28.47
C THR A 189 -7.15 22.40 29.75
N GLY A 190 -5.84 22.65 29.86
CA GLY A 190 -5.09 22.37 31.08
C GLY A 190 -5.17 23.60 31.94
N ARG A 191 -5.77 23.47 33.10
CA ARG A 191 -5.92 24.56 34.07
C ARG A 191 -4.84 24.49 35.16
N PRO A 192 -4.33 25.65 35.63
CA PRO A 192 -3.33 25.61 36.72
C PRO A 192 -3.85 24.93 38.00
N SER A 193 -3.00 24.13 38.68
CA SER A 193 -3.30 23.44 39.95
C SER A 193 -2.04 23.32 40.82
N VAL A 194 -2.22 23.28 42.17
CA VAL A 194 -1.13 23.21 43.16
C VAL A 194 -0.06 22.17 42.79
N ASN A 195 -0.49 20.94 42.52
CA ASN A 195 0.38 19.82 42.16
C ASN A 195 0.82 19.84 40.69
N GLY A 196 0.18 20.67 39.85
CA GLY A 196 0.44 20.65 38.43
C GLY A 196 0.92 21.92 37.77
N LEU A 197 0.19 22.29 36.71
CA LEU A 197 0.49 23.43 35.85
C LEU A 197 0.57 24.76 36.57
N ALA A 198 1.54 25.57 36.17
CA ALA A 198 1.75 26.92 36.66
C ALA A 198 0.81 27.84 35.90
N LEU A 199 0.67 27.58 34.59
CA LEU A 199 -0.08 28.40 33.64
C LEU A 199 -0.97 27.49 32.77
N ALA A 200 -2.01 28.07 32.15
CA ALA A 200 -2.89 27.29 31.30
C ALA A 200 -2.19 26.82 30.01
N GLU A 201 -2.75 25.80 29.40
CA GLU A 201 -2.37 25.34 28.09
C GLU A 201 -3.60 24.76 27.43
N TYR A 202 -3.60 24.79 26.09
CA TYR A 202 -4.75 24.38 25.27
C TYR A 202 -4.27 23.40 24.26
N VAL A 203 -4.99 22.27 24.15
CA VAL A 203 -4.51 21.18 23.32
C VAL A 203 -5.57 20.77 22.33
N ILE A 204 -5.17 20.69 21.05
CA ILE A 204 -6.04 20.15 20.01
C ILE A 204 -5.42 18.88 19.49
N TYR A 205 -6.24 18.00 18.92
CA TYR A 205 -5.79 16.70 18.44
C TYR A 205 -5.98 16.52 16.93
N ARG A 206 -6.39 17.63 16.26
CA ARG A 206 -6.60 17.66 14.81
CA ARG A 206 -6.61 17.68 14.80
C ARG A 206 -5.93 18.96 14.35
N GLY A 207 -4.97 18.85 13.44
CA GLY A 207 -4.20 20.00 12.96
C GLY A 207 -5.03 21.09 12.33
N GLU A 208 -6.16 20.72 11.71
CA GLU A 208 -7.04 21.70 11.05
C GLU A 208 -7.80 22.63 12.01
N GLN A 209 -7.69 22.39 13.33
CA GLN A 209 -8.33 23.23 14.33
C GLN A 209 -7.48 24.43 14.74
N ALA A 210 -6.38 24.70 14.01
CA ALA A 210 -5.59 25.92 14.27
C ALA A 210 -5.09 26.49 12.96
N TYR A 211 -4.97 27.82 12.92
CA TYR A 211 -4.48 28.53 11.75
C TYR A 211 -3.34 29.44 12.24
N PRO A 212 -2.16 29.36 11.61
CA PRO A 212 -1.01 30.18 12.06
C PRO A 212 -1.09 31.59 11.50
N GLU A 213 -1.91 32.43 12.11
CA GLU A 213 -2.26 33.75 11.58
C GLU A 213 -1.14 34.78 11.56
N TYR A 214 -0.36 34.84 12.62
CA TYR A 214 0.75 35.80 12.66
C TYR A 214 2.06 35.14 12.98
N LEU A 215 3.10 35.54 12.23
CA LEU A 215 4.46 35.09 12.48
C LEU A 215 5.17 36.26 13.10
N ILE A 216 5.63 36.06 14.34
CA ILE A 216 6.30 37.13 15.10
C ILE A 216 7.77 36.83 15.17
N THR A 217 8.62 37.76 14.71
CA THR A 217 10.09 37.65 14.78
C THR A 217 10.51 38.59 15.92
N TYR A 218 11.29 38.06 16.88
CA TYR A 218 11.60 38.84 18.08
C TYR A 218 12.86 38.35 18.73
N GLN A 219 13.32 39.13 19.70
CA GLN A 219 14.40 38.70 20.58
C GLN A 219 13.88 38.82 22.01
N ILE A 220 14.39 37.98 22.91
CA ILE A 220 14.15 38.19 24.34
C ILE A 220 15.14 39.31 24.75
N MET A 221 14.75 40.18 25.68
CA MET A 221 15.66 41.28 26.09
C MET A 221 16.25 41.07 27.44
N ARG A 222 17.51 41.41 27.59
CA ARG A 222 18.24 41.31 28.84
C ARG A 222 17.53 42.22 29.89
N PRO A 223 17.15 41.71 31.08
CA PRO A 223 16.48 42.57 32.08
C PRO A 223 17.28 43.81 32.50
N LEU B 17 -17.46 -17.96 -21.20
CA LEU B 17 -18.44 -18.65 -22.04
C LEU B 17 -17.81 -19.83 -22.80
N TYR B 18 -18.60 -20.91 -22.98
CA TYR B 18 -18.21 -22.13 -23.69
C TYR B 18 -19.09 -22.42 -24.90
N PHE B 19 -18.49 -22.93 -25.98
CA PHE B 19 -19.24 -23.24 -27.20
C PHE B 19 -18.84 -24.62 -27.64
N GLN B 20 -19.79 -25.44 -28.13
CA GLN B 20 -19.53 -26.78 -28.65
C GLN B 20 -19.91 -26.87 -30.14
N GLY B 21 -19.22 -27.76 -30.87
CA GLY B 21 -19.45 -27.98 -32.30
C GLY B 21 -20.13 -29.29 -32.59
N ASP B 25 -18.30 -30.75 -37.27
CA ASP B 25 -17.53 -29.53 -37.11
C ASP B 25 -16.02 -29.88 -37.19
N LYS B 26 -15.36 -29.42 -38.27
CA LYS B 26 -13.96 -29.69 -38.58
C LYS B 26 -12.98 -29.18 -37.52
N GLU B 27 -13.28 -28.01 -36.94
CA GLU B 27 -12.49 -27.36 -35.91
C GLU B 27 -12.36 -28.26 -34.66
N PHE B 28 -13.48 -28.87 -34.24
CA PHE B 28 -13.50 -29.73 -33.05
C PHE B 28 -12.93 -31.13 -33.32
N GLN B 29 -13.10 -31.63 -34.57
CA GLN B 29 -12.51 -32.90 -35.01
C GLN B 29 -11.00 -32.72 -35.04
N SER B 30 -10.53 -31.51 -35.43
CA SER B 30 -9.10 -31.17 -35.47
C SER B 30 -8.50 -31.25 -34.05
N VAL B 31 -9.24 -30.76 -33.03
CA VAL B 31 -8.79 -30.79 -31.63
C VAL B 31 -8.74 -32.23 -31.13
N GLU B 32 -9.80 -33.04 -31.42
CA GLU B 32 -9.80 -34.45 -31.00
C GLU B 32 -8.62 -35.17 -31.63
N GLU B 33 -8.35 -34.92 -32.92
CA GLU B 33 -7.24 -35.55 -33.64
C GLU B 33 -5.90 -35.18 -33.01
N GLU B 34 -5.70 -33.90 -32.64
CA GLU B 34 -4.45 -33.48 -32.01
C GLU B 34 -4.29 -34.17 -30.66
N MET B 35 -5.38 -34.29 -29.92
CA MET B 35 -5.39 -34.94 -28.62
C MET B 35 -4.98 -36.43 -28.77
N GLN B 36 -5.66 -37.16 -29.69
CA GLN B 36 -5.36 -38.58 -29.88
C GLN B 36 -4.00 -38.87 -30.52
N SER B 37 -3.66 -38.15 -31.58
CA SER B 37 -2.45 -38.45 -32.36
C SER B 37 -1.13 -38.10 -31.70
N THR B 38 -1.15 -37.23 -30.65
CA THR B 38 0.07 -36.81 -29.99
C THR B 38 0.39 -37.62 -28.74
N VAL B 39 -0.40 -38.68 -28.48
CA VAL B 39 -0.11 -39.59 -27.38
C VAL B 39 1.21 -40.31 -27.69
N ARG B 40 2.06 -40.45 -26.67
CA ARG B 40 3.33 -41.15 -26.78
C ARG B 40 3.49 -42.11 -25.61
N GLU B 41 4.42 -43.07 -25.75
CA GLU B 41 4.76 -43.98 -24.66
C GLU B 41 5.73 -43.19 -23.78
N HIS B 42 5.44 -43.12 -22.50
CA HIS B 42 6.26 -42.34 -21.61
C HIS B 42 7.35 -43.16 -20.92
N ARG B 43 8.50 -42.49 -20.69
CA ARG B 43 9.69 -43.06 -20.03
C ARG B 43 9.38 -43.61 -18.64
N ASP B 44 8.44 -42.97 -17.90
CA ASP B 44 8.06 -43.42 -16.56
C ASP B 44 7.11 -44.65 -16.55
N GLY B 45 6.88 -45.25 -17.72
CA GLY B 45 6.02 -46.43 -17.85
C GLY B 45 4.56 -46.24 -17.49
N GLY B 46 4.09 -44.97 -17.51
CA GLY B 46 2.71 -44.63 -17.14
C GLY B 46 2.53 -44.27 -15.68
N HIS B 47 3.64 -44.13 -14.93
CA HIS B 47 3.60 -43.80 -13.50
C HIS B 47 2.79 -42.55 -13.19
N ALA B 48 3.14 -41.41 -13.84
CA ALA B 48 2.46 -40.15 -13.58
C ALA B 48 1.04 -40.05 -14.14
N GLY B 49 0.86 -40.43 -15.41
CA GLY B 49 -0.41 -40.22 -16.12
C GLY B 49 -1.31 -41.41 -16.36
N GLY B 50 -0.83 -42.61 -16.07
CA GLY B 50 -1.59 -43.83 -16.29
C GLY B 50 -1.19 -44.59 -17.53
N ILE B 51 -1.75 -45.81 -17.68
CA ILE B 51 -1.49 -46.70 -18.81
C ILE B 51 -2.65 -46.64 -19.81
N PHE B 52 -2.35 -46.20 -21.03
CA PHE B 52 -3.34 -46.00 -22.09
C PHE B 52 -2.66 -45.72 -23.42
N ASN B 53 -3.36 -45.99 -24.52
CA ASN B 53 -2.88 -45.63 -25.86
C ASN B 53 -3.81 -44.56 -26.45
N ARG B 54 -5.03 -44.45 -25.92
CA ARG B 54 -6.00 -43.48 -26.42
C ARG B 54 -6.92 -42.97 -25.32
N TYR B 55 -7.72 -41.95 -25.65
CA TYR B 55 -8.67 -41.38 -24.71
C TYR B 55 -10.08 -41.62 -25.18
N ASN B 56 -11.02 -41.50 -24.24
CA ASN B 56 -12.43 -41.40 -24.53
C ASN B 56 -12.70 -39.88 -24.37
N ILE B 57 -12.86 -39.15 -25.48
CA ILE B 57 -13.10 -37.70 -25.45
C ILE B 57 -14.59 -37.48 -25.18
N LEU B 58 -14.92 -36.84 -24.06
CA LEU B 58 -16.30 -36.62 -23.63
C LEU B 58 -16.87 -35.31 -24.11
N LYS B 59 -16.08 -34.24 -24.05
CA LYS B 59 -16.55 -32.92 -24.45
C LYS B 59 -15.35 -32.07 -24.84
N ILE B 60 -15.57 -31.18 -25.82
CA ILE B 60 -14.57 -30.18 -26.24
C ILE B 60 -15.34 -28.87 -26.29
N GLN B 61 -14.91 -27.92 -25.47
CA GLN B 61 -15.58 -26.62 -25.39
C GLN B 61 -14.61 -25.54 -25.79
N LYS B 62 -15.04 -24.62 -26.65
CA LYS B 62 -14.25 -23.44 -27.03
C LYS B 62 -14.47 -22.39 -25.96
N VAL B 63 -13.37 -21.83 -25.43
CA VAL B 63 -13.43 -20.83 -24.37
C VAL B 63 -13.44 -19.44 -25.02
N CYS B 64 -14.45 -18.63 -24.72
CA CYS B 64 -14.54 -17.29 -25.27
C CYS B 64 -14.55 -16.31 -24.09
N ASN B 65 -13.35 -15.84 -23.70
CA ASN B 65 -13.16 -14.92 -22.60
C ASN B 65 -12.55 -13.65 -23.20
N LYS B 66 -13.40 -12.63 -23.46
CA LYS B 66 -12.98 -11.38 -24.11
C LYS B 66 -11.79 -10.68 -23.45
N LYS B 67 -11.84 -10.51 -22.11
CA LYS B 67 -10.76 -9.86 -21.36
C LYS B 67 -9.41 -10.60 -21.57
N LEU B 68 -9.44 -11.94 -21.45
CA LEU B 68 -8.24 -12.75 -21.64
C LEU B 68 -7.76 -12.69 -23.08
N TRP B 69 -8.70 -12.71 -24.04
CA TRP B 69 -8.35 -12.66 -25.46
C TRP B 69 -7.67 -11.30 -25.81
N GLU B 70 -8.20 -10.18 -25.28
CA GLU B 70 -7.60 -8.86 -25.50
C GLU B 70 -6.20 -8.77 -24.90
N ARG B 71 -6.02 -9.35 -23.69
CA ARG B 71 -4.69 -9.34 -23.02
C ARG B 71 -3.70 -10.16 -23.86
N TYR B 72 -4.19 -11.30 -24.37
CA TYR B 72 -3.38 -12.19 -25.18
C TYR B 72 -2.97 -11.52 -26.50
N THR B 73 -3.95 -10.97 -27.27
CA THR B 73 -3.65 -10.37 -28.58
C THR B 73 -2.78 -9.13 -28.46
N HIS B 74 -2.93 -8.35 -27.36
CA HIS B 74 -2.10 -7.17 -27.14
C HIS B 74 -0.64 -7.60 -27.00
N ARG B 75 -0.39 -8.63 -26.19
CA ARG B 75 0.94 -9.15 -25.98
C ARG B 75 1.48 -9.78 -27.25
N ARG B 76 0.63 -10.52 -27.97
CA ARG B 76 1.03 -11.20 -29.21
C ARG B 76 1.57 -10.20 -30.25
N LYS B 77 0.90 -9.04 -30.39
CA LYS B 77 1.32 -8.01 -31.32
C LYS B 77 2.71 -7.45 -30.90
N GLU B 78 2.91 -7.20 -29.60
CA GLU B 78 4.18 -6.70 -29.06
C GLU B 78 5.29 -7.69 -29.35
N VAL B 79 5.03 -8.99 -29.07
CA VAL B 79 6.04 -10.01 -29.29
C VAL B 79 6.38 -10.07 -30.80
N SER B 80 5.35 -10.11 -31.66
CA SER B 80 5.56 -10.14 -33.13
C SER B 80 6.46 -9.00 -33.59
N GLU B 81 6.22 -7.79 -33.07
CA GLU B 81 7.03 -6.61 -33.42
C GLU B 81 8.48 -6.71 -32.95
N GLU B 82 8.71 -7.45 -31.85
CA GLU B 82 10.05 -7.72 -31.30
C GLU B 82 10.68 -8.99 -31.87
N ASN B 83 9.98 -9.69 -32.75
CA ASN B 83 10.48 -10.93 -33.33
C ASN B 83 10.44 -10.91 -34.84
N HIS B 84 10.83 -9.78 -35.42
CA HIS B 84 10.93 -9.56 -36.85
C HIS B 84 9.62 -9.95 -37.55
N ASN B 85 8.47 -9.58 -36.92
CA ASN B 85 7.10 -9.77 -37.41
C ASN B 85 6.56 -11.20 -37.38
N HIS B 86 7.07 -12.01 -36.45
CA HIS B 86 6.61 -13.37 -36.24
C HIS B 86 6.22 -13.57 -34.77
N ALA B 87 4.94 -13.80 -34.51
CA ALA B 87 4.48 -14.13 -33.14
C ALA B 87 5.00 -15.51 -32.73
N ASN B 88 5.21 -16.43 -33.71
CA ASN B 88 5.63 -17.80 -33.45
C ASN B 88 4.61 -18.44 -32.48
N GLU B 89 3.33 -18.37 -32.88
CA GLU B 89 2.24 -18.91 -32.10
C GLU B 89 2.09 -20.40 -32.36
N ARG B 90 1.86 -21.17 -31.30
CA ARG B 90 1.60 -22.60 -31.44
C ARG B 90 0.41 -23.01 -30.60
N MET B 91 -0.29 -24.08 -31.03
CA MET B 91 -1.36 -24.66 -30.24
C MET B 91 -0.67 -25.76 -29.38
N LEU B 92 -0.76 -25.63 -28.06
CA LEU B 92 -0.08 -26.56 -27.16
C LEU B 92 -0.98 -26.96 -25.99
N PHE B 93 -0.72 -28.14 -25.44
CA PHE B 93 -1.53 -28.62 -24.31
C PHE B 93 -0.99 -28.12 -22.97
N HIS B 94 -1.88 -28.03 -21.98
CA HIS B 94 -1.55 -27.70 -20.62
C HIS B 94 -2.42 -28.52 -19.68
N GLY B 95 -1.79 -29.23 -18.76
CA GLY B 95 -2.51 -30.01 -17.75
C GLY B 95 -2.29 -29.38 -16.39
N SER B 96 -3.35 -29.26 -15.62
CA SER B 96 -3.31 -28.65 -14.29
C SER B 96 -4.56 -29.03 -13.52
N PRO B 97 -4.49 -29.19 -12.18
CA PRO B 97 -5.73 -29.35 -11.41
C PRO B 97 -6.55 -28.03 -11.38
N PHE B 98 -5.96 -26.89 -11.83
CA PHE B 98 -6.58 -25.55 -11.76
C PHE B 98 -7.06 -24.97 -13.09
N VAL B 99 -7.46 -25.83 -14.02
CA VAL B 99 -7.97 -25.40 -15.32
C VAL B 99 -9.14 -24.41 -15.22
N ASN B 100 -10.08 -24.61 -14.27
CA ASN B 100 -11.19 -23.68 -14.17
CA ASN B 100 -11.22 -23.69 -14.07
C ASN B 100 -10.77 -22.28 -13.73
N ALA B 101 -9.77 -22.15 -12.84
CA ALA B 101 -9.22 -20.84 -12.46
C ALA B 101 -8.54 -20.20 -13.69
N ILE B 102 -7.81 -21.02 -14.49
CA ILE B 102 -7.12 -20.50 -15.67
C ILE B 102 -8.10 -19.94 -16.70
N ILE B 103 -9.20 -20.65 -16.95
CA ILE B 103 -10.21 -20.19 -17.91
C ILE B 103 -10.82 -18.85 -17.52
N HIS B 104 -11.01 -18.66 -16.21
CA HIS B 104 -11.61 -17.43 -15.72
C HIS B 104 -10.62 -16.27 -15.55
N LYS B 105 -9.46 -16.55 -14.97
CA LYS B 105 -8.48 -15.54 -14.61
C LYS B 105 -7.28 -15.46 -15.53
N GLY B 106 -7.05 -16.50 -16.34
CA GLY B 106 -5.91 -16.59 -17.24
C GLY B 106 -4.72 -17.24 -16.59
N PHE B 107 -3.67 -17.46 -17.39
CA PHE B 107 -2.40 -17.98 -16.88
C PHE B 107 -1.73 -16.84 -16.09
N ASP B 108 -1.03 -17.22 -15.04
CA ASP B 108 -0.45 -16.24 -14.12
C ASP B 108 0.92 -16.73 -13.69
N GLU B 109 1.98 -16.04 -14.17
CA GLU B 109 3.35 -16.41 -13.82
C GLU B 109 3.63 -16.29 -12.32
N ARG B 110 2.81 -15.54 -11.58
CA ARG B 110 3.03 -15.38 -10.13
C ARG B 110 2.81 -16.71 -9.40
N HIS B 111 2.15 -17.68 -10.07
CA HIS B 111 1.92 -19.00 -9.51
C HIS B 111 3.02 -19.98 -9.91
N ALA B 112 4.03 -19.48 -10.64
CA ALA B 112 5.21 -20.24 -11.07
C ALA B 112 6.44 -19.89 -10.16
N TYR B 113 7.12 -20.92 -9.63
CA TYR B 113 8.31 -20.77 -8.78
C TYR B 113 9.46 -21.59 -9.39
N GLY B 115 12.25 -24.53 -9.19
CA GLY B 115 11.26 -25.60 -9.08
C GLY B 115 11.12 -26.55 -10.26
N GLY B 116 11.28 -26.01 -11.43
CA GLY B 116 11.12 -26.67 -12.73
C GLY B 116 12.42 -26.66 -13.51
N MET B 117 12.54 -27.53 -14.55
CA MET B 117 13.76 -27.64 -15.36
C MET B 117 14.20 -26.30 -15.95
N PHE B 118 13.22 -25.45 -16.34
CA PHE B 118 13.47 -24.13 -16.92
C PHE B 118 13.04 -22.99 -16.00
N GLY B 119 12.99 -23.28 -14.71
CA GLY B 119 12.70 -22.27 -13.72
C GLY B 119 11.23 -21.87 -13.61
N ALA B 120 11.02 -20.63 -13.20
CA ALA B 120 9.73 -20.05 -12.86
C ALA B 120 8.85 -19.65 -14.05
N GLY B 121 8.52 -20.64 -14.85
CA GLY B 121 7.67 -20.43 -16.01
C GLY B 121 6.40 -21.23 -15.98
N ILE B 122 5.61 -21.07 -17.05
CA ILE B 122 4.35 -21.77 -17.28
C ILE B 122 4.68 -22.75 -18.42
N TYR B 123 4.43 -24.02 -18.17
CA TYR B 123 4.86 -25.11 -19.04
C TYR B 123 3.76 -25.71 -19.90
N PHE B 124 4.12 -25.97 -21.17
CA PHE B 124 3.20 -26.53 -22.16
C PHE B 124 3.87 -27.67 -22.89
N ALA B 125 3.05 -28.57 -23.45
CA ALA B 125 3.54 -29.70 -24.21
C ALA B 125 2.89 -29.77 -25.58
N GLU B 126 3.61 -30.35 -26.55
CA GLU B 126 3.00 -30.61 -27.86
C GLU B 126 2.41 -32.04 -27.87
N ASN B 127 2.63 -32.82 -26.79
CA ASN B 127 2.09 -34.17 -26.68
C ASN B 127 1.02 -34.18 -25.60
N SER B 128 -0.23 -34.48 -25.96
CA SER B 128 -1.33 -34.48 -24.98
C SER B 128 -1.02 -35.38 -23.76
N SER B 129 -0.41 -36.55 -24.00
CA SER B 129 -0.09 -37.49 -22.91
C SER B 129 0.95 -36.93 -21.93
N LYS B 130 1.83 -36.00 -22.38
CA LYS B 130 2.76 -35.34 -21.45
C LYS B 130 1.96 -34.42 -20.51
N SER B 131 1.03 -33.62 -21.05
CA SER B 131 0.20 -32.75 -20.25
C SER B 131 -0.73 -33.53 -19.32
N ASN B 132 -1.17 -34.73 -19.76
CA ASN B 132 -2.01 -35.59 -18.94
C ASN B 132 -1.30 -36.01 -17.63
N GLN B 133 0.08 -36.01 -17.63
CA GLN B 133 0.87 -36.35 -16.44
C GLN B 133 0.74 -35.28 -15.34
N TYR B 134 0.15 -34.10 -15.66
CA TYR B 134 0.06 -32.97 -14.73
C TYR B 134 -1.33 -32.65 -14.27
N VAL B 135 -2.35 -33.35 -14.82
CA VAL B 135 -3.75 -33.08 -14.49
C VAL B 135 -4.09 -33.21 -13.02
N TYR B 136 -3.51 -34.18 -12.35
CA TYR B 136 -3.76 -34.43 -10.91
C TYR B 136 -2.66 -33.90 -9.99
N GLY B 137 -1.75 -33.14 -10.58
CA GLY B 137 -0.65 -32.55 -9.84
C GLY B 137 0.70 -32.91 -10.42
N ILE B 138 1.77 -32.41 -9.79
CA ILE B 138 3.13 -32.67 -10.26
C ILE B 138 3.42 -34.18 -10.09
N GLY B 139 3.86 -34.81 -11.18
CA GLY B 139 4.11 -36.25 -11.22
C GLY B 139 2.82 -37.05 -11.10
N GLY B 140 1.67 -36.42 -11.40
CA GLY B 140 0.36 -37.02 -11.27
C GLY B 140 -0.21 -36.95 -9.86
N GLY B 141 0.52 -36.31 -8.94
CA GLY B 141 0.12 -36.21 -7.53
C GLY B 141 -0.21 -37.58 -6.95
N THR B 142 -1.38 -37.68 -6.30
CA THR B 142 -1.90 -38.94 -5.76
C THR B 142 -3.01 -39.48 -6.67
N GLY B 143 -3.10 -38.98 -7.89
CA GLY B 143 -4.13 -39.41 -8.83
C GLY B 143 -5.48 -38.78 -8.59
N CYS B 144 -6.53 -39.43 -9.07
CA CYS B 144 -7.90 -38.93 -8.98
C CYS B 144 -8.36 -38.70 -7.53
N PRO B 145 -9.22 -37.70 -7.25
CA PRO B 145 -9.66 -37.47 -5.86
C PRO B 145 -10.42 -38.64 -5.22
N VAL B 146 -11.26 -39.36 -5.99
CA VAL B 146 -12.09 -40.46 -5.50
C VAL B 146 -11.34 -41.76 -5.20
N HIS B 147 -10.49 -42.24 -6.14
CA HIS B 147 -9.80 -43.53 -6.02
C HIS B 147 -8.30 -43.45 -5.71
N LYS B 148 -7.71 -42.22 -5.69
CA LYS B 148 -6.27 -42.01 -5.46
C LYS B 148 -5.45 -42.90 -6.42
N ASP B 149 -5.89 -42.89 -7.69
CA ASP B 149 -5.32 -43.72 -8.75
C ASP B 149 -4.87 -42.82 -9.91
N ARG B 150 -3.53 -42.78 -10.16
CA ARG B 150 -2.98 -41.98 -11.27
C ARG B 150 -3.40 -42.59 -12.62
N SER B 151 -3.80 -43.88 -12.64
CA SER B 151 -4.25 -44.56 -13.86
C SER B 151 -5.77 -44.80 -13.86
N CYS B 152 -6.54 -43.95 -13.14
CA CYS B 152 -7.99 -44.12 -13.08
C CYS B 152 -8.63 -44.05 -14.44
N TYR B 153 -9.46 -45.05 -14.76
CA TYR B 153 -10.21 -45.12 -16.02
C TYR B 153 -11.64 -44.63 -15.85
N ILE B 154 -12.05 -44.42 -14.59
CA ILE B 154 -13.41 -44.03 -14.26
C ILE B 154 -13.59 -42.51 -14.21
N CYS B 155 -12.76 -41.81 -13.42
CA CYS B 155 -12.86 -40.38 -13.21
C CYS B 155 -12.54 -39.57 -14.48
N HIS B 156 -13.31 -38.51 -14.69
CA HIS B 156 -13.16 -37.64 -15.86
C HIS B 156 -12.07 -36.61 -15.60
N ARG B 157 -11.20 -36.44 -16.58
CA ARG B 157 -10.05 -35.53 -16.52
C ARG B 157 -10.31 -34.31 -17.43
N GLN B 158 -9.60 -33.22 -17.21
CA GLN B 158 -9.70 -32.05 -18.10
C GLN B 158 -8.31 -31.56 -18.46
N LEU B 159 -8.11 -31.18 -19.71
CA LEU B 159 -6.84 -30.63 -20.24
C LEU B 159 -7.20 -29.37 -21.01
N LEU B 160 -6.26 -28.42 -21.15
CA LEU B 160 -6.48 -27.24 -21.98
C LEU B 160 -5.65 -27.39 -23.26
N PHE B 161 -6.19 -26.94 -24.40
CA PHE B 161 -5.46 -26.86 -25.68
C PHE B 161 -5.43 -25.36 -25.95
N CYS B 162 -4.22 -24.79 -25.84
CA CYS B 162 -3.96 -23.36 -25.74
C CYS B 162 -3.29 -22.75 -26.92
N ARG B 163 -3.58 -21.45 -27.14
CA ARG B 163 -2.84 -20.63 -28.11
C ARG B 163 -1.65 -20.08 -27.30
N VAL B 164 -0.41 -20.35 -27.74
CA VAL B 164 0.76 -19.91 -26.97
C VAL B 164 1.68 -19.11 -27.87
N THR B 165 2.04 -17.89 -27.47
CA THR B 165 2.95 -17.05 -28.23
C THR B 165 4.36 -17.36 -27.74
N LEU B 166 5.20 -17.93 -28.62
CA LEU B 166 6.57 -18.26 -28.24
C LEU B 166 7.57 -17.17 -28.62
N GLY B 167 7.25 -16.37 -29.63
CA GLY B 167 8.15 -15.33 -30.11
C GLY B 167 9.51 -15.90 -30.44
N LYS B 168 10.57 -15.19 -30.01
CA LYS B 168 11.94 -15.66 -30.24
C LYS B 168 12.21 -16.61 -29.09
N SER B 169 12.20 -17.90 -29.38
CA SER B 169 12.28 -18.94 -28.36
C SER B 169 13.69 -19.43 -28.15
N PHE B 170 14.15 -19.37 -26.91
CA PHE B 170 15.50 -19.77 -26.56
C PHE B 170 15.56 -21.31 -26.48
N LEU B 171 16.33 -21.94 -27.39
CA LEU B 171 16.44 -23.39 -27.42
C LEU B 171 17.40 -23.88 -26.37
N GLN B 172 16.96 -24.86 -25.57
CA GLN B 172 17.76 -25.40 -24.50
C GLN B 172 17.59 -26.91 -24.40
N PHE B 173 18.68 -27.64 -24.16
CA PHE B 173 18.65 -29.10 -24.06
C PHE B 173 18.76 -29.55 -22.61
N SER B 174 19.45 -28.79 -21.76
CA SER B 174 19.65 -29.14 -20.35
C SER B 174 18.99 -28.11 -19.44
N ALA B 175 18.90 -28.42 -18.12
CA ALA B 175 18.28 -27.53 -17.13
C ALA B 175 18.89 -26.15 -17.16
N MET B 176 18.03 -25.13 -17.07
CA MET B 176 18.43 -23.74 -17.08
C MET B 176 17.34 -23.01 -16.27
N LYS B 177 17.56 -22.90 -14.95
CA LYS B 177 16.62 -22.27 -14.01
C LYS B 177 16.57 -20.75 -14.26
N MET B 178 15.52 -20.30 -14.94
CA MET B 178 15.31 -18.89 -15.26
C MET B 178 14.22 -18.31 -14.39
N ALA B 179 14.25 -17.00 -14.17
CA ALA B 179 13.13 -16.29 -13.53
C ALA B 179 12.27 -15.71 -14.66
N HIS B 180 12.93 -15.25 -15.75
CA HIS B 180 12.28 -14.61 -16.88
C HIS B 180 12.82 -15.18 -18.18
N SER B 181 12.26 -14.78 -19.32
CA SER B 181 12.83 -15.22 -20.60
C SER B 181 14.27 -14.70 -20.66
N PRO B 182 15.16 -15.42 -21.36
CA PRO B 182 16.51 -14.90 -21.54
C PRO B 182 16.49 -13.55 -22.27
N PRO B 183 17.50 -12.68 -22.08
CA PRO B 183 17.48 -11.38 -22.79
C PRO B 183 17.22 -11.55 -24.28
N GLY B 184 16.40 -10.66 -24.84
CA GLY B 184 16.01 -10.66 -26.25
C GLY B 184 15.09 -11.79 -26.69
N HIS B 185 14.67 -12.65 -25.75
CA HIS B 185 13.78 -13.78 -26.06
C HIS B 185 12.40 -13.65 -25.39
N HIS B 186 11.42 -14.50 -25.80
CA HIS B 186 10.05 -14.45 -25.30
C HIS B 186 9.59 -15.76 -24.70
N SER B 187 10.43 -16.80 -24.77
CA SER B 187 10.06 -18.13 -24.26
C SER B 187 11.31 -18.99 -24.28
N VAL B 188 11.17 -20.21 -23.73
CA VAL B 188 12.21 -21.20 -23.74
C VAL B 188 11.60 -22.46 -24.33
N THR B 189 12.35 -23.13 -25.23
CA THR B 189 11.93 -24.41 -25.82
C THR B 189 12.92 -25.46 -25.33
N GLY B 190 12.39 -26.44 -24.61
CA GLY B 190 13.17 -27.59 -24.16
C GLY B 190 13.08 -28.63 -25.28
N ARG B 191 14.23 -28.92 -25.93
CA ARG B 191 14.27 -29.88 -27.04
C ARG B 191 14.72 -31.26 -26.56
N PRO B 192 14.16 -32.38 -27.09
CA PRO B 192 14.63 -33.72 -26.66
C PRO B 192 16.11 -33.98 -26.95
N GLY B 196 18.74 -35.77 -22.27
CA GLY B 196 17.87 -35.24 -21.21
C GLY B 196 16.38 -35.49 -21.47
N LEU B 197 15.63 -34.51 -22.00
CA LEU B 197 14.18 -34.63 -22.27
C LEU B 197 13.85 -35.69 -23.28
N ALA B 198 12.76 -36.42 -23.02
CA ALA B 198 12.27 -37.44 -23.94
C ALA B 198 11.42 -36.77 -25.01
N LEU B 199 10.67 -35.73 -24.59
CA LEU B 199 9.71 -34.99 -25.41
C LEU B 199 9.91 -33.49 -25.18
N ALA B 200 9.47 -32.69 -26.15
CA ALA B 200 9.64 -31.24 -26.02
C ALA B 200 8.76 -30.64 -24.93
N GLU B 201 9.13 -29.44 -24.49
CA GLU B 201 8.30 -28.63 -23.63
C GLU B 201 8.58 -27.19 -23.94
N TYR B 202 7.58 -26.34 -23.72
CA TYR B 202 7.62 -24.92 -24.07
C TYR B 202 7.27 -24.15 -22.84
N VAL B 203 8.07 -23.10 -22.56
CA VAL B 203 7.92 -22.35 -21.33
C VAL B 203 7.81 -20.87 -21.61
N ILE B 204 6.79 -20.26 -21.02
CA ILE B 204 6.61 -18.80 -21.06
C ILE B 204 6.74 -18.26 -19.62
N TYR B 205 7.12 -17.00 -19.49
CA TYR B 205 7.37 -16.39 -18.19
C TYR B 205 6.45 -15.20 -17.96
N ARG B 206 5.43 -15.01 -18.85
CA ARG B 206 4.40 -13.97 -18.76
C ARG B 206 3.09 -14.67 -19.06
N GLY B 207 2.16 -14.61 -18.12
CA GLY B 207 0.87 -15.28 -18.27
C GLY B 207 0.07 -14.85 -19.49
N GLU B 208 0.24 -13.59 -19.91
CA GLU B 208 -0.49 -13.06 -21.07
C GLU B 208 -0.07 -13.64 -22.42
N GLN B 209 0.99 -14.45 -22.44
CA GLN B 209 1.48 -15.10 -23.66
C GLN B 209 0.77 -16.40 -23.97
N ALA B 210 -0.32 -16.73 -23.23
CA ALA B 210 -1.09 -17.93 -23.58
C ALA B 210 -2.58 -17.63 -23.40
N TYR B 211 -3.41 -18.27 -24.22
CA TYR B 211 -4.85 -18.13 -24.15
C TYR B 211 -5.43 -19.55 -24.05
N PRO B 212 -6.28 -19.83 -23.04
CA PRO B 212 -6.85 -21.21 -22.89
C PRO B 212 -8.03 -21.43 -23.84
N GLU B 213 -7.75 -21.73 -25.09
CA GLU B 213 -8.75 -21.77 -26.14
C GLU B 213 -9.75 -22.91 -26.08
N TYR B 214 -9.30 -24.12 -25.74
CA TYR B 214 -10.22 -25.26 -25.67
C TYR B 214 -10.08 -25.99 -24.37
N LEU B 215 -11.21 -26.36 -23.78
CA LEU B 215 -11.26 -27.18 -22.56
C LEU B 215 -11.72 -28.57 -23.03
N ILE B 216 -10.87 -29.57 -22.78
CA ILE B 216 -11.15 -30.95 -23.20
C ILE B 216 -11.46 -31.79 -21.98
N THR B 217 -12.65 -32.42 -21.93
CA THR B 217 -13.04 -33.32 -20.84
C THR B 217 -12.89 -34.73 -21.42
N TYR B 218 -12.18 -35.61 -20.71
CA TYR B 218 -11.89 -36.95 -21.23
C TYR B 218 -11.58 -37.98 -20.15
N GLN B 219 -11.47 -39.25 -20.58
CA GLN B 219 -10.96 -40.30 -19.74
C GLN B 219 -9.80 -40.92 -20.51
N ILE B 220 -8.82 -41.47 -19.81
CA ILE B 220 -7.83 -42.32 -20.48
C ILE B 220 -8.57 -43.68 -20.62
N MET B 221 -8.31 -44.39 -21.72
CA MET B 221 -8.94 -45.69 -21.94
C MET B 221 -8.04 -46.85 -21.62
N ARG B 222 -8.60 -47.88 -20.98
CA ARG B 222 -7.86 -49.11 -20.68
C ARG B 222 -7.39 -49.74 -22.00
N PRO B 223 -6.08 -50.07 -22.17
CA PRO B 223 -5.61 -50.63 -23.45
C PRO B 223 -6.33 -51.91 -23.89
N ASN C 16 -34.89 4.31 8.82
CA ASN C 16 -34.93 5.77 8.70
C ASN C 16 -33.85 6.21 7.68
N LEU C 17 -32.57 5.94 7.99
CA LEU C 17 -31.44 6.19 7.08
C LEU C 17 -31.18 4.89 6.28
N TYR C 18 -32.03 3.85 6.48
CA TYR C 18 -31.86 2.50 5.91
C TYR C 18 -32.75 2.24 4.70
N PHE C 19 -32.15 1.84 3.57
CA PHE C 19 -32.91 1.56 2.33
C PHE C 19 -32.68 0.11 1.94
N GLN C 20 -33.78 -0.69 1.93
CA GLN C 20 -33.75 -2.11 1.57
C GLN C 20 -33.17 -2.28 0.16
N GLY C 21 -32.23 -3.19 0.07
CA GLY C 21 -31.50 -3.48 -1.14
C GLY C 21 -32.21 -4.42 -2.08
N SER C 22 -32.18 -4.03 -3.36
CA SER C 22 -32.76 -4.77 -4.47
C SER C 22 -31.92 -6.04 -4.68
N PRO C 23 -32.42 -7.17 -4.17
CA PRO C 23 -31.78 -8.50 -4.19
C PRO C 23 -31.33 -9.04 -5.57
N ASP C 24 -31.89 -8.49 -6.67
CA ASP C 24 -31.52 -8.89 -8.04
C ASP C 24 -30.52 -7.90 -8.66
N ASP C 25 -30.21 -6.81 -7.93
CA ASP C 25 -29.26 -5.81 -8.41
C ASP C 25 -27.84 -6.31 -8.29
N LYS C 26 -27.01 -5.91 -9.25
CA LYS C 26 -25.59 -6.30 -9.28
C LYS C 26 -24.88 -5.78 -8.05
N GLU C 27 -25.26 -4.57 -7.57
CA GLU C 27 -24.71 -3.88 -6.40
C GLU C 27 -24.85 -4.75 -5.14
N PHE C 28 -26.05 -5.30 -4.88
CA PHE C 28 -26.28 -6.13 -3.71
C PHE C 28 -25.69 -7.56 -3.85
N GLN C 29 -25.66 -8.11 -5.09
CA GLN C 29 -25.01 -9.40 -5.36
C GLN C 29 -23.50 -9.24 -5.14
N SER C 30 -22.95 -8.05 -5.48
CA SER C 30 -21.53 -7.73 -5.31
C SER C 30 -21.16 -7.79 -3.81
N VAL C 31 -22.02 -7.21 -2.97
CA VAL C 31 -21.82 -7.17 -1.50
C VAL C 31 -21.90 -8.60 -0.94
N GLU C 32 -22.92 -9.38 -1.37
CA GLU C 32 -23.02 -10.76 -0.89
C GLU C 32 -21.76 -11.56 -1.29
N GLU C 33 -21.30 -11.40 -2.52
CA GLU C 33 -20.11 -12.12 -3.01
C GLU C 33 -18.86 -11.75 -2.19
N GLU C 34 -18.69 -10.45 -1.85
CA GLU C 34 -17.53 -10.05 -1.06
C GLU C 34 -17.62 -10.67 0.35
N MET C 35 -18.82 -10.69 0.91
CA MET C 35 -19.07 -11.26 2.21
C MET C 35 -18.71 -12.77 2.22
N GLN C 36 -19.24 -13.53 1.26
CA GLN C 36 -18.98 -14.96 1.17
C GLN C 36 -17.54 -15.35 0.78
N SER C 37 -17.00 -14.70 -0.25
CA SER C 37 -15.69 -15.09 -0.79
C SER C 37 -14.49 -14.78 0.09
N THR C 38 -14.66 -13.86 1.06
CA THR C 38 -13.55 -13.43 1.92
C THR C 38 -13.48 -14.17 3.24
N VAL C 39 -14.34 -15.17 3.43
CA VAL C 39 -14.29 -16.01 4.64
C VAL C 39 -12.99 -16.80 4.64
N ARG C 40 -12.35 -16.89 5.81
CA ARG C 40 -11.13 -17.68 6.00
C ARG C 40 -11.26 -18.55 7.25
N GLU C 41 -10.39 -19.58 7.38
CA GLU C 41 -10.31 -20.40 8.57
C GLU C 41 -9.49 -19.60 9.58
N HIS C 42 -10.02 -19.41 10.79
CA HIS C 42 -9.31 -18.60 11.78
C HIS C 42 -8.39 -19.42 12.67
N ARG C 43 -7.24 -18.83 13.05
CA ARG C 43 -6.22 -19.47 13.92
C ARG C 43 -6.80 -19.94 15.27
N ASP C 44 -7.78 -19.22 15.82
CA ASP C 44 -8.38 -19.56 17.11
C ASP C 44 -9.38 -20.74 17.04
N GLY C 45 -9.47 -21.37 15.85
CA GLY C 45 -10.36 -22.50 15.57
C GLY C 45 -11.84 -22.18 15.69
N GLY C 46 -12.19 -20.89 15.58
CA GLY C 46 -13.57 -20.45 15.66
C GLY C 46 -13.99 -19.98 17.03
N HIS C 47 -13.03 -19.88 17.97
CA HIS C 47 -13.34 -19.46 19.34
C HIS C 47 -14.10 -18.13 19.42
N ALA C 48 -13.58 -17.09 18.76
CA ALA C 48 -14.17 -15.76 18.79
C ALA C 48 -15.45 -15.60 17.95
N GLY C 49 -15.41 -16.03 16.69
CA GLY C 49 -16.52 -15.79 15.76
C GLY C 49 -17.43 -16.95 15.43
N GLY C 50 -17.06 -18.15 15.85
CA GLY C 50 -17.84 -19.35 15.57
C GLY C 50 -17.25 -20.20 14.48
N ILE C 51 -17.82 -21.41 14.30
CA ILE C 51 -17.36 -22.38 13.31
C ILE C 51 -18.30 -22.35 12.12
N PHE C 52 -17.77 -22.02 10.95
CA PHE C 52 -18.54 -21.89 9.71
C PHE C 52 -17.63 -21.71 8.51
N ASN C 53 -18.16 -22.03 7.30
CA ASN C 53 -17.46 -21.82 6.04
C ASN C 53 -18.22 -20.76 5.23
N ARG C 54 -19.50 -20.53 5.55
CA ARG C 54 -20.32 -19.57 4.79
C ARG C 54 -21.39 -18.96 5.69
N TYR C 55 -22.05 -17.94 5.16
CA TYR C 55 -23.15 -17.29 5.86
C TYR C 55 -24.48 -17.53 5.15
N ASN C 56 -25.56 -17.29 5.89
CA ASN C 56 -26.87 -17.17 5.32
C ASN C 56 -27.10 -15.64 5.35
N ILE C 57 -27.02 -14.97 4.19
CA ILE C 57 -27.23 -13.51 4.10
C ILE C 57 -28.72 -13.22 4.05
N LEU C 58 -29.22 -12.50 5.06
CA LEU C 58 -30.66 -12.23 5.21
C LEU C 58 -31.12 -10.93 4.60
N LYS C 59 -30.34 -9.87 4.79
CA LYS C 59 -30.71 -8.56 4.31
C LYS C 59 -29.46 -7.73 4.09
N ILE C 60 -29.50 -6.87 3.09
CA ILE C 60 -28.44 -5.90 2.85
C ILE C 60 -29.15 -4.56 2.66
N GLN C 61 -28.83 -3.59 3.53
CA GLN C 61 -29.45 -2.28 3.47
C GLN C 61 -28.41 -1.25 3.17
N LYS C 62 -28.73 -0.31 2.28
CA LYS C 62 -27.80 0.78 1.96
C LYS C 62 -28.08 1.91 2.95
N VAL C 63 -27.01 2.48 3.50
CA VAL C 63 -27.13 3.56 4.49
C VAL C 63 -27.00 4.88 3.77
N CYS C 64 -27.98 5.76 3.96
CA CYS C 64 -28.00 7.09 3.34
C CYS C 64 -28.05 8.16 4.40
N ASN C 65 -26.87 8.58 4.87
CA ASN C 65 -26.78 9.58 5.93
C ASN C 65 -26.01 10.74 5.32
N LYS C 66 -26.74 11.78 4.90
CA LYS C 66 -26.18 12.94 4.19
C LYS C 66 -25.02 13.62 4.92
N LYS C 67 -25.19 13.90 6.23
CA LYS C 67 -24.16 14.54 7.04
C LYS C 67 -22.87 13.71 7.06
N LEU C 68 -22.99 12.38 7.26
CA LEU C 68 -21.85 11.50 7.29
C LEU C 68 -21.20 11.41 5.93
N TRP C 69 -22.02 11.35 4.87
CA TRP C 69 -21.51 11.26 3.49
C TRP C 69 -20.71 12.51 3.13
N GLU C 70 -21.24 13.69 3.46
CA GLU C 70 -20.55 14.95 3.19
C GLU C 70 -19.21 15.05 3.97
N ARG C 71 -19.19 14.59 5.23
CA ARG C 71 -17.98 14.60 6.06
C ARG C 71 -16.94 13.68 5.42
N TYR C 72 -17.42 12.51 4.94
CA TYR C 72 -16.56 11.52 4.31
C TYR C 72 -15.97 12.04 2.99
N THR C 73 -16.81 12.56 2.08
CA THR C 73 -16.33 13.02 0.76
C THR C 73 -15.39 14.22 0.89
N HIS C 74 -15.63 15.07 1.91
CA HIS C 74 -14.78 16.23 2.14
C HIS C 74 -13.38 15.77 2.52
N ARG C 75 -13.30 14.79 3.43
CA ARG C 75 -12.03 14.25 3.85
C ARG C 75 -11.34 13.48 2.70
N ARG C 76 -12.14 12.74 1.94
CA ARG C 76 -11.62 11.94 0.82
C ARG C 76 -10.90 12.81 -0.20
N LYS C 77 -11.48 13.98 -0.50
CA LYS C 77 -10.87 14.95 -1.42
C LYS C 77 -9.52 15.47 -0.87
N GLU C 78 -9.47 15.80 0.43
CA GLU C 78 -8.25 16.27 1.12
C GLU C 78 -7.17 15.22 1.05
N VAL C 79 -7.53 13.96 1.37
CA VAL C 79 -6.53 12.89 1.34
C VAL C 79 -6.00 12.69 -0.08
N SER C 80 -6.92 12.66 -1.07
CA SER C 80 -6.55 12.49 -2.48
C SER C 80 -5.54 13.57 -2.89
N GLU C 81 -5.77 14.83 -2.50
CA GLU C 81 -4.88 15.96 -2.82
C GLU C 81 -3.50 15.81 -2.19
N GLU C 82 -3.42 15.15 -1.03
CA GLU C 82 -2.17 14.87 -0.32
C GLU C 82 -1.52 13.54 -0.76
N ASN C 83 -2.19 12.78 -1.65
CA ASN C 83 -1.68 11.48 -2.07
C ASN C 83 -1.61 11.37 -3.60
N HIS C 84 -1.10 12.44 -4.23
CA HIS C 84 -0.94 12.63 -5.68
C HIS C 84 -2.18 12.28 -6.47
N ASN C 85 -3.31 12.78 -5.98
CA ASN C 85 -4.62 12.65 -6.60
C ASN C 85 -5.24 11.26 -6.54
N HIS C 86 -4.92 10.50 -5.50
CA HIS C 86 -5.58 9.20 -5.32
C HIS C 86 -5.96 8.99 -3.90
N ALA C 87 -7.24 8.75 -3.65
CA ALA C 87 -7.80 8.54 -2.32
C ALA C 87 -7.44 7.16 -1.74
N ASN C 88 -7.15 6.16 -2.61
CA ASN C 88 -6.89 4.79 -2.19
C ASN C 88 -8.06 4.31 -1.32
N GLU C 89 -9.28 4.42 -1.87
CA GLU C 89 -10.51 4.00 -1.21
C GLU C 89 -10.72 2.51 -1.40
N ARG C 90 -11.11 1.83 -0.31
CA ARG C 90 -11.43 0.40 -0.36
C ARG C 90 -12.71 0.14 0.36
N MET C 91 -13.42 -0.92 -0.10
CA MET C 91 -14.61 -1.35 0.62
C MET C 91 -14.11 -2.40 1.62
N LEU C 92 -14.35 -2.15 2.92
CA LEU C 92 -13.85 -3.03 3.99
C LEU C 92 -14.91 -3.30 5.02
N PHE C 93 -14.77 -4.44 5.71
CA PHE C 93 -15.75 -4.81 6.73
C PHE C 93 -15.41 -4.23 8.09
N HIS C 94 -16.46 -4.03 8.91
CA HIS C 94 -16.28 -3.60 10.29
C HIS C 94 -17.34 -4.29 11.12
N GLY C 95 -16.93 -4.97 12.18
CA GLY C 95 -17.85 -5.62 13.09
C GLY C 95 -17.83 -4.90 14.42
N SER C 96 -19.04 -4.69 15.00
CA SER C 96 -19.14 -4.00 16.28
C SER C 96 -20.51 -4.27 16.88
N PRO C 97 -20.63 -4.34 18.23
CA PRO C 97 -21.99 -4.36 18.81
C PRO C 97 -22.71 -3.00 18.66
N PHE C 98 -22.00 -1.94 18.22
CA PHE C 98 -22.52 -0.58 18.13
C PHE C 98 -22.78 -0.08 16.69
N VAL C 99 -23.07 -0.98 15.78
CA VAL C 99 -23.36 -0.65 14.38
C VAL C 99 -24.45 0.42 14.25
N ASN C 100 -25.49 0.27 15.09
CA ASN C 100 -26.61 1.17 15.27
C ASN C 100 -26.14 2.61 15.44
N ALA C 101 -25.27 2.88 16.43
CA ALA C 101 -24.70 4.20 16.75
C ALA C 101 -23.79 4.69 15.62
N ILE C 102 -23.03 3.79 14.99
CA ILE C 102 -22.12 4.18 13.88
C ILE C 102 -22.92 4.69 12.68
N ILE C 103 -24.02 4.04 12.35
CA ILE C 103 -24.83 4.46 11.20
C ILE C 103 -25.43 5.84 11.41
N HIS C 104 -25.77 6.16 12.65
CA HIS C 104 -26.36 7.45 12.96
C HIS C 104 -25.34 8.55 13.20
N LYS C 105 -24.28 8.26 13.97
CA LYS C 105 -23.31 9.26 14.39
C LYS C 105 -21.98 9.21 13.66
N GLY C 106 -21.72 8.09 12.97
CA GLY C 106 -20.48 7.85 12.24
C GLY C 106 -19.42 7.21 13.09
N PHE C 107 -18.28 6.92 12.46
CA PHE C 107 -17.11 6.43 13.18
C PHE C 107 -16.52 7.61 13.94
N ASP C 108 -15.97 7.32 15.10
CA ASP C 108 -15.47 8.41 15.95
C ASP C 108 -14.15 7.97 16.61
N GLU C 109 -13.03 8.58 16.19
CA GLU C 109 -11.73 8.26 16.78
C GLU C 109 -11.64 8.59 18.28
N ARG C 110 -12.56 9.42 18.80
CA ARG C 110 -12.54 9.76 20.22
C ARG C 110 -12.93 8.54 21.08
N HIS C 111 -13.49 7.51 20.42
CA HIS C 111 -13.84 6.27 21.13
C HIS C 111 -12.72 5.21 20.95
N ALA C 112 -11.60 5.61 20.31
CA ALA C 112 -10.44 4.75 20.11
C ALA C 112 -9.32 5.12 21.10
N TYR C 113 -8.69 4.08 21.68
CA TYR C 113 -7.60 4.24 22.68
C TYR C 113 -6.34 3.47 22.30
N ILE C 114 -5.21 3.84 22.93
CA ILE C 114 -3.86 3.32 22.65
C ILE C 114 -3.57 1.79 22.73
N GLY C 115 -4.44 1.03 23.38
CA GLY C 115 -4.28 -0.41 23.58
C GLY C 115 -4.09 -1.37 22.40
N GLY C 116 -4.80 -1.15 21.29
CA GLY C 116 -4.77 -2.00 20.08
C GLY C 116 -3.38 -2.19 19.48
N MET C 117 -3.20 -3.22 18.61
CA MET C 117 -1.91 -3.51 17.98
C MET C 117 -1.32 -2.28 17.27
N PHE C 118 -2.18 -1.45 16.65
CA PHE C 118 -1.78 -0.23 15.93
C PHE C 118 -2.27 1.04 16.62
N GLY C 119 -2.48 0.93 17.93
CA GLY C 119 -2.87 2.07 18.73
C GLY C 119 -4.31 2.54 18.55
N ALA C 120 -4.51 3.86 18.78
CA ALA C 120 -5.80 4.50 18.89
C ALA C 120 -6.47 4.78 17.54
N GLY C 121 -6.75 3.72 16.83
CA GLY C 121 -7.41 3.81 15.54
C GLY C 121 -8.70 3.04 15.46
N ILE C 122 -9.33 3.13 14.29
CA ILE C 122 -10.58 2.45 13.93
C ILE C 122 -10.15 1.35 12.97
N TYR C 123 -10.50 0.10 13.30
CA TYR C 123 -10.00 -1.09 12.62
C TYR C 123 -11.01 -1.72 11.67
N PHE C 124 -10.50 -2.09 10.48
CA PHE C 124 -11.30 -2.73 9.43
C PHE C 124 -10.61 -3.96 8.91
N ALA C 125 -11.39 -4.86 8.30
CA ALA C 125 -10.82 -6.07 7.69
C ALA C 125 -11.26 -6.23 6.24
N GLU C 126 -10.42 -6.90 5.43
CA GLU C 126 -10.84 -7.26 4.08
C GLU C 126 -11.46 -8.65 4.09
N ASN C 127 -11.40 -9.37 5.23
CA ASN C 127 -12.02 -10.69 5.34
C ASN C 127 -13.25 -10.56 6.24
N SER C 128 -14.44 -10.82 5.67
CA SER C 128 -15.66 -10.69 6.47
C SER C 128 -15.61 -11.52 7.76
N SER C 129 -15.01 -12.74 7.71
CA SER C 129 -14.96 -13.63 8.91
C SER C 129 -14.06 -13.04 10.04
N LYS C 130 -13.12 -12.13 9.66
CA LYS C 130 -12.31 -11.46 10.70
C LYS C 130 -13.20 -10.44 11.42
N SER C 131 -13.94 -9.64 10.68
CA SER C 131 -14.88 -8.66 11.27
C SER C 131 -15.97 -9.33 12.07
N ASN C 132 -16.40 -10.54 11.64
CA ASN C 132 -17.41 -11.33 12.36
C ASN C 132 -16.96 -11.65 13.80
N GLN C 133 -15.66 -11.73 14.06
CA GLN C 133 -15.10 -12.00 15.39
C GLN C 133 -15.35 -10.87 16.36
N TYR C 134 -15.79 -9.68 15.87
CA TYR C 134 -15.98 -8.49 16.69
C TYR C 134 -17.44 -8.07 16.87
N VAL C 135 -18.37 -8.75 16.21
CA VAL C 135 -19.78 -8.39 16.25
C VAL C 135 -20.39 -8.41 17.67
N TYR C 136 -19.97 -9.37 18.49
CA TYR C 136 -20.49 -9.50 19.86
C TYR C 136 -19.50 -8.98 20.91
N GLY C 137 -18.46 -8.30 20.45
CA GLY C 137 -17.44 -7.72 21.30
C GLY C 137 -16.04 -8.21 21.00
N ILE C 138 -15.08 -7.73 21.79
CA ILE C 138 -13.68 -8.13 21.59
C ILE C 138 -13.54 -9.62 21.86
N GLY C 139 -12.98 -10.33 20.89
CA GLY C 139 -12.82 -11.79 20.96
C GLY C 139 -14.15 -12.51 20.96
N GLY C 140 -15.19 -11.86 20.43
CA GLY C 140 -16.56 -12.35 20.37
C GLY C 140 -17.35 -12.14 21.66
N GLY C 141 -16.74 -11.47 22.65
CA GLY C 141 -17.38 -11.25 23.95
C GLY C 141 -17.91 -12.53 24.56
N THR C 142 -19.18 -12.52 24.99
CA THR C 142 -19.87 -13.70 25.52
C THR C 142 -20.84 -14.27 24.46
N GLY C 143 -20.67 -13.86 23.22
CA GLY C 143 -21.53 -14.32 22.13
C GLY C 143 -22.85 -13.62 22.07
N CYS C 144 -23.83 -14.28 21.43
CA CYS C 144 -25.17 -13.71 21.23
C CYS C 144 -25.88 -13.35 22.56
N PRO C 145 -26.70 -12.28 22.61
CA PRO C 145 -27.40 -11.95 23.86
C PRO C 145 -28.34 -13.05 24.40
N VAL C 146 -29.04 -13.79 23.53
CA VAL C 146 -30.00 -14.84 23.95
C VAL C 146 -29.40 -16.14 24.45
N HIS C 147 -28.42 -16.69 23.70
CA HIS C 147 -27.84 -17.99 24.04
C HIS C 147 -26.42 -17.95 24.62
N LYS C 148 -25.77 -16.75 24.70
CA LYS C 148 -24.40 -16.57 25.19
C LYS C 148 -23.46 -17.54 24.46
N ASP C 149 -23.64 -17.63 23.12
CA ASP C 149 -22.92 -18.55 22.26
C ASP C 149 -22.22 -17.76 21.15
N ARG C 150 -20.86 -17.79 21.14
CA ARG C 150 -20.07 -17.09 20.11
C ARG C 150 -20.26 -17.77 18.75
N SER C 151 -20.67 -19.07 18.75
CA SER C 151 -20.93 -19.82 17.53
C SER C 151 -22.43 -20.00 17.26
N CYS C 152 -23.27 -19.11 17.77
CA CYS C 152 -24.72 -19.20 17.55
C CYS C 152 -25.07 -19.19 16.07
N TYR C 153 -25.86 -20.17 15.64
CA TYR C 153 -26.35 -20.31 14.27
C TYR C 153 -27.76 -19.76 14.15
N ILE C 154 -28.38 -19.43 15.29
CA ILE C 154 -29.77 -18.99 15.32
C ILE C 154 -29.90 -17.48 15.26
N CYS C 155 -29.18 -16.76 16.14
CA CYS C 155 -29.29 -15.31 16.24
C CYS C 155 -28.72 -14.58 15.02
N HIS C 156 -29.41 -13.52 14.61
CA HIS C 156 -29.02 -12.75 13.45
C HIS C 156 -27.96 -11.75 13.86
N ARG C 157 -26.90 -11.70 13.06
CA ARG C 157 -25.75 -10.82 13.29
C ARG C 157 -25.79 -9.68 12.29
N GLN C 158 -25.05 -8.61 12.60
CA GLN C 158 -24.96 -7.51 11.66
C GLN C 158 -23.51 -7.07 11.51
N LEU C 159 -23.09 -6.79 10.26
CA LEU C 159 -21.73 -6.31 9.97
C LEU C 159 -21.91 -5.07 9.09
N LEU C 160 -20.93 -4.17 9.10
CA LEU C 160 -20.95 -3.04 8.19
C LEU C 160 -19.94 -3.31 7.06
N PHE C 161 -20.29 -2.92 5.83
CA PHE C 161 -19.38 -2.96 4.70
C PHE C 161 -19.23 -1.48 4.34
N CYS C 162 -18.02 -0.95 4.56
CA CYS C 162 -17.70 0.46 4.57
C CYS C 162 -16.83 0.96 3.47
N ARG C 163 -17.01 2.24 3.09
CA ARG C 163 -16.11 2.92 2.19
C ARG C 163 -15.01 3.47 3.11
N VAL C 164 -13.74 3.08 2.87
CA VAL C 164 -12.63 3.52 3.74
C VAL C 164 -11.58 4.19 2.89
N THR C 165 -11.22 5.43 3.24
CA THR C 165 -10.17 6.13 2.54
C THR C 165 -8.83 5.78 3.23
N LEU C 166 -7.92 5.10 2.51
CA LEU C 166 -6.63 4.72 3.10
C LEU C 166 -5.52 5.71 2.79
N GLY C 167 -5.67 6.48 1.70
CA GLY C 167 -4.62 7.37 1.22
C GLY C 167 -3.28 6.65 1.11
N LYS C 168 -2.20 7.31 1.58
CA LYS C 168 -0.89 6.68 1.59
C LYS C 168 -0.86 5.83 2.87
N SER C 169 -0.92 4.50 2.70
CA SER C 169 -1.04 3.61 3.84
C SER C 169 0.30 3.06 4.29
N PHE C 170 0.57 3.18 5.58
CA PHE C 170 1.84 2.70 6.15
C PHE C 170 1.77 1.18 6.36
N LEU C 171 2.59 0.42 5.59
CA LEU C 171 2.60 -1.03 5.67
C LEU C 171 3.45 -1.48 6.87
N GLN C 172 2.89 -2.37 7.70
CA GLN C 172 3.55 -2.80 8.93
C GLN C 172 3.18 -4.25 9.33
N PHE C 173 4.14 -4.97 9.96
CA PHE C 173 3.91 -6.31 10.47
C PHE C 173 3.72 -6.38 11.98
N SER C 174 4.53 -5.66 12.73
CA SER C 174 4.49 -5.78 14.18
C SER C 174 3.77 -4.63 14.82
N ALA C 175 3.45 -4.77 16.12
CA ALA C 175 2.77 -3.74 16.90
C ALA C 175 3.45 -2.38 16.75
N MET C 176 2.64 -1.34 16.60
CA MET C 176 3.12 0.02 16.41
C MET C 176 2.00 0.87 16.98
N LYS C 177 2.10 1.23 18.27
CA LYS C 177 1.05 1.96 18.98
C LYS C 177 1.04 3.45 18.68
N MET C 178 0.25 3.77 17.68
CA MET C 178 0.14 5.12 17.15
C MET C 178 -1.03 5.84 17.80
N ALA C 179 -0.95 7.17 17.88
CA ALA C 179 -2.11 7.95 18.31
C ALA C 179 -2.76 8.45 17.00
N HIS C 180 -1.94 8.74 15.98
CA HIS C 180 -2.40 9.27 14.70
C HIS C 180 -1.72 8.50 13.57
N SER C 181 -2.09 8.80 12.32
CA SER C 181 -1.37 8.17 11.20
C SER C 181 0.09 8.55 11.28
N PRO C 182 1.00 7.68 10.81
CA PRO C 182 2.42 8.07 10.77
C PRO C 182 2.60 9.32 9.91
N PRO C 183 3.63 10.16 10.18
CA PRO C 183 3.85 11.36 9.35
C PRO C 183 3.81 11.02 7.84
N GLY C 184 3.17 11.90 7.07
CA GLY C 184 3.03 11.75 5.62
C GLY C 184 2.10 10.63 5.16
N HIS C 185 1.44 9.94 6.10
CA HIS C 185 0.53 8.83 5.78
C HIS C 185 -0.92 9.12 6.24
N HIS C 186 -1.88 8.33 5.80
CA HIS C 186 -3.31 8.53 6.12
C HIS C 186 -3.97 7.33 6.77
N SER C 187 -3.22 6.24 6.95
CA SER C 187 -3.72 4.99 7.53
C SER C 187 -2.54 4.07 7.78
N VAL C 188 -2.82 2.96 8.44
CA VAL C 188 -1.85 1.88 8.65
C VAL C 188 -2.49 0.61 8.12
N THR C 189 -1.71 -0.21 7.38
CA THR C 189 -2.13 -1.54 6.95
C THR C 189 -1.30 -2.54 7.69
N GLY C 190 -1.96 -3.35 8.49
CA GLY C 190 -1.32 -4.46 9.18
C GLY C 190 -1.23 -5.63 8.21
N ARG C 191 -0.04 -6.05 7.84
CA ARG C 191 0.11 -7.16 6.89
C ARG C 191 0.40 -8.47 7.58
N PRO C 192 -0.05 -9.61 7.00
CA PRO C 192 0.22 -10.92 7.61
C PRO C 192 1.70 -11.29 7.63
N SER C 193 2.13 -12.01 8.66
CA SER C 193 3.48 -12.54 8.81
C SER C 193 3.45 -13.75 9.74
N VAL C 194 4.36 -14.72 9.52
CA VAL C 194 4.44 -15.95 10.31
C VAL C 194 4.38 -15.67 11.82
N ASN C 195 5.16 -14.69 12.28
CA ASN C 195 5.18 -14.31 13.69
C ASN C 195 4.27 -13.15 14.07
N GLY C 196 3.30 -12.84 13.21
CA GLY C 196 2.37 -11.77 13.50
C GLY C 196 0.95 -12.10 13.12
N LEU C 197 0.32 -11.17 12.40
CA LEU C 197 -1.05 -11.26 11.93
C LEU C 197 -1.30 -12.40 11.00
N ALA C 198 -2.45 -13.07 11.15
CA ALA C 198 -2.82 -14.15 10.26
C ALA C 198 -3.41 -13.56 8.98
N LEU C 199 -4.11 -12.43 9.12
CA LEU C 199 -4.83 -11.76 8.03
C LEU C 199 -4.60 -10.25 8.11
N ALA C 200 -4.82 -9.54 6.98
CA ALA C 200 -4.60 -8.08 7.00
C ALA C 200 -5.63 -7.35 7.86
N GLU C 201 -5.29 -6.11 8.25
CA GLU C 201 -6.22 -5.20 8.89
C GLU C 201 -5.82 -3.80 8.50
N TYR C 202 -6.79 -2.88 8.52
CA TYR C 202 -6.62 -1.52 8.04
C TYR C 202 -7.06 -0.60 9.12
N VAL C 203 -6.23 0.41 9.41
CA VAL C 203 -6.51 1.26 10.55
C VAL C 203 -6.51 2.72 10.09
N ILE C 204 -7.56 3.44 10.46
CA ILE C 204 -7.62 4.89 10.24
C ILE C 204 -7.67 5.55 11.61
N TYR C 205 -7.26 6.82 11.66
CA TYR C 205 -7.14 7.55 12.92
C TYR C 205 -8.06 8.77 12.96
N ARG C 206 -8.94 8.87 11.95
CA ARG C 206 -9.91 9.98 11.82
C ARG C 206 -11.21 9.30 11.43
N GLY C 207 -12.25 9.51 12.22
CA GLY C 207 -13.56 8.91 11.99
C GLY C 207 -14.17 9.25 10.65
N GLU C 208 -13.88 10.46 10.14
CA GLU C 208 -14.39 10.91 8.85
C GLU C 208 -13.81 10.21 7.63
N GLN C 209 -12.78 9.33 7.80
CA GLN C 209 -12.16 8.59 6.72
C GLN C 209 -12.87 7.29 6.43
N ALA C 210 -14.06 7.08 7.03
CA ALA C 210 -14.85 5.88 6.69
C ALA C 210 -16.33 6.26 6.65
N TYR C 211 -17.09 5.62 5.78
CA TYR C 211 -18.50 5.84 5.65
C TYR C 211 -19.18 4.45 5.75
N PRO C 212 -20.16 4.29 6.65
CA PRO C 212 -20.80 2.95 6.82
C PRO C 212 -21.88 2.73 5.75
N GLU C 213 -21.46 2.31 4.56
CA GLU C 213 -22.32 2.24 3.40
C GLU C 213 -23.40 1.15 3.39
N TYR C 214 -23.04 -0.06 3.85
CA TYR C 214 -24.02 -1.14 3.86
C TYR C 214 -24.09 -1.79 5.21
N LEU C 215 -25.30 -2.09 5.62
CA LEU C 215 -25.57 -2.83 6.84
C LEU C 215 -26.02 -4.23 6.37
N ILE C 216 -25.25 -5.24 6.76
CA ILE C 216 -25.51 -6.63 6.35
C ILE C 216 -26.05 -7.40 7.53
N THR C 217 -27.25 -8.01 7.38
CA THR C 217 -27.84 -8.86 8.42
C THR C 217 -27.66 -10.30 7.94
N TYR C 218 -27.11 -11.15 8.81
CA TYR C 218 -26.76 -12.51 8.41
C TYR C 218 -26.68 -13.47 9.58
N GLN C 219 -26.55 -14.76 9.26
CA GLN C 219 -26.23 -15.78 10.25
C GLN C 219 -25.00 -16.50 9.76
N ILE C 220 -24.17 -17.00 10.67
CA ILE C 220 -23.12 -17.93 10.28
C ILE C 220 -23.84 -19.27 10.10
N MET C 221 -23.35 -20.11 9.18
CA MET C 221 -24.02 -21.41 8.93
C MET C 221 -23.20 -22.57 9.42
N ARG C 222 -23.89 -23.57 9.98
CA ARG C 222 -23.24 -24.77 10.47
C ARG C 222 -22.56 -25.48 9.28
N PRO C 223 -21.26 -25.86 9.37
CA PRO C 223 -20.60 -26.55 8.23
C PRO C 223 -21.29 -27.84 7.77
N PHE D 28 11.39 20.74 -11.68
CA PHE D 28 12.86 20.66 -11.64
C PHE D 28 13.40 21.00 -10.26
N GLN D 29 13.02 22.16 -9.68
CA GLN D 29 13.41 22.53 -8.32
C GLN D 29 12.88 21.45 -7.37
N SER D 30 11.68 20.91 -7.67
CA SER D 30 11.05 19.84 -6.91
C SER D 30 11.92 18.57 -6.97
N VAL D 31 12.48 18.25 -8.16
CA VAL D 31 13.34 17.08 -8.35
C VAL D 31 14.67 17.30 -7.60
N GLU D 32 15.29 18.53 -7.68
CA GLU D 32 16.54 18.79 -6.92
C GLU D 32 16.29 18.61 -5.42
N GLU D 33 15.16 19.15 -4.93
CA GLU D 33 14.80 19.06 -3.52
C GLU D 33 14.60 17.61 -3.09
N GLU D 34 13.93 16.78 -3.90
CA GLU D 34 13.75 15.35 -3.59
C GLU D 34 15.11 14.65 -3.55
N MET D 35 16.00 14.98 -4.49
CA MET D 35 17.34 14.43 -4.55
C MET D 35 18.14 14.78 -3.26
N GLN D 36 18.19 16.07 -2.89
CA GLN D 36 18.94 16.49 -1.71
C GLN D 36 18.33 16.05 -0.38
N SER D 37 17.00 16.24 -0.22
CA SER D 37 16.32 15.99 1.07
C SER D 37 16.25 14.54 1.50
N THR D 38 16.36 13.59 0.53
CA THR D 38 16.23 12.16 0.82
C THR D 38 17.53 11.47 1.08
N VAL D 39 18.65 12.22 1.14
CA VAL D 39 19.94 11.65 1.49
C VAL D 39 19.89 11.17 2.94
N ARG D 40 20.44 9.97 3.20
CA ARG D 40 20.52 9.41 4.53
C ARG D 40 21.92 8.86 4.78
N GLU D 41 22.26 8.62 6.06
CA GLU D 41 23.52 7.99 6.45
C GLU D 41 23.32 6.50 6.24
N HIS D 42 24.22 5.89 5.48
CA HIS D 42 24.09 4.47 5.18
C HIS D 42 24.81 3.57 6.17
N ARG D 43 24.21 2.39 6.42
CA ARG D 43 24.72 1.33 7.31
C ARG D 43 26.16 0.91 6.98
N ASP D 44 26.51 0.86 5.67
CA ASP D 44 27.84 0.47 5.20
C ASP D 44 28.92 1.55 5.36
N GLY D 45 28.57 2.67 6.00
CA GLY D 45 29.47 3.80 6.23
C GLY D 45 29.99 4.49 4.98
N GLY D 46 29.25 4.36 3.88
CA GLY D 46 29.60 4.95 2.59
C GLY D 46 30.39 4.03 1.68
N HIS D 47 30.54 2.75 2.06
CA HIS D 47 31.30 1.79 1.25
C HIS D 47 30.83 1.70 -0.22
N ALA D 48 29.54 1.49 -0.43
CA ALA D 48 28.97 1.35 -1.77
C ALA D 48 28.87 2.67 -2.58
N GLY D 49 28.32 3.72 -1.96
CA GLY D 49 28.06 4.96 -2.66
C GLY D 49 28.97 6.14 -2.44
N GLY D 50 29.86 6.04 -1.45
CA GLY D 50 30.78 7.10 -1.10
C GLY D 50 30.35 7.86 0.14
N ILE D 51 31.24 8.74 0.62
CA ILE D 51 31.02 9.54 1.81
C ILE D 51 30.61 10.93 1.40
N PHE D 52 29.39 11.35 1.79
CA PHE D 52 28.81 12.64 1.45
C PHE D 52 27.53 12.89 2.25
N ASN D 53 27.16 14.18 2.39
CA ASN D 53 25.90 14.58 3.02
C ASN D 53 25.01 15.24 1.97
N ARG D 54 25.60 15.72 0.86
CA ARG D 54 24.83 16.40 -0.20
C ARG D 54 25.47 16.17 -1.56
N TYR D 55 24.79 16.63 -2.61
CA TYR D 55 25.30 16.53 -3.96
C TYR D 55 25.53 17.89 -4.54
N ASN D 56 26.31 17.93 -5.62
CA ASN D 56 26.46 19.09 -6.47
C ASN D 56 25.62 18.69 -7.69
N ILE D 57 24.39 19.24 -7.81
CA ILE D 57 23.50 18.89 -8.93
C ILE D 57 23.89 19.72 -10.15
N LEU D 58 24.32 19.04 -11.22
CA LEU D 58 24.79 19.69 -12.44
C LEU D 58 23.71 19.91 -13.49
N LYS D 59 22.84 18.92 -13.67
CA LYS D 59 21.78 19.00 -14.68
C LYS D 59 20.62 18.10 -14.33
N ILE D 60 19.40 18.52 -14.67
CA ILE D 60 18.20 17.69 -14.53
C ILE D 60 17.49 17.78 -15.87
N GLN D 61 17.25 16.63 -16.51
CA GLN D 61 16.63 16.61 -17.83
C GLN D 61 15.39 15.74 -17.78
N LYS D 62 14.30 16.20 -18.40
CA LYS D 62 13.06 15.41 -18.47
C LYS D 62 13.18 14.46 -19.68
N VAL D 63 12.83 13.18 -19.47
CA VAL D 63 12.85 12.16 -20.52
C VAL D 63 11.46 12.07 -21.13
N CYS D 64 11.38 12.27 -22.44
CA CYS D 64 10.11 12.22 -23.16
C CYS D 64 10.23 11.14 -24.21
N ASN D 65 9.84 9.93 -23.83
CA ASN D 65 9.88 8.79 -24.73
C ASN D 65 8.44 8.27 -24.83
N LYS D 66 7.73 8.72 -25.88
CA LYS D 66 6.33 8.37 -26.10
C LYS D 66 6.02 6.87 -26.10
N LYS D 67 6.85 6.05 -26.80
CA LYS D 67 6.67 4.60 -26.85
C LYS D 67 6.78 3.98 -25.44
N LEU D 68 7.80 4.42 -24.65
CA LEU D 68 7.96 3.91 -23.28
C LEU D 68 6.81 4.36 -22.39
N TRP D 69 6.36 5.62 -22.55
CA TRP D 69 5.25 6.16 -21.78
C TRP D 69 3.97 5.34 -22.04
N GLU D 70 3.69 5.01 -23.31
CA GLU D 70 2.52 4.20 -23.67
C GLU D 70 2.60 2.80 -23.07
N ARG D 71 3.79 2.18 -23.08
CA ARG D 71 3.97 0.84 -22.51
C ARG D 71 3.68 0.89 -20.98
N TYR D 72 4.18 1.96 -20.36
CA TYR D 72 3.98 2.20 -18.94
C TYR D 72 2.51 2.41 -18.59
N THR D 73 1.81 3.35 -19.29
CA THR D 73 0.40 3.64 -18.97
C THR D 73 -0.52 2.46 -19.25
N HIS D 74 -0.18 1.63 -20.26
CA HIS D 74 -0.99 0.46 -20.57
C HIS D 74 -0.93 -0.53 -19.39
N ARG D 75 0.28 -0.77 -18.86
CA ARG D 75 0.44 -1.66 -17.73
C ARG D 75 -0.19 -1.04 -16.47
N ARG D 76 -0.02 0.27 -16.28
CA ARG D 76 -0.57 0.99 -15.11
C ARG D 76 -2.08 0.80 -15.01
N LYS D 77 -2.79 0.90 -16.16
CA LYS D 77 -4.24 0.72 -16.23
C LYS D 77 -4.61 -0.72 -15.80
N GLU D 78 -3.87 -1.74 -16.28
CA GLU D 78 -4.10 -3.15 -15.95
C GLU D 78 -3.92 -3.36 -14.45
N VAL D 79 -2.80 -2.84 -13.89
CA VAL D 79 -2.55 -3.00 -12.46
C VAL D 79 -3.68 -2.33 -11.65
N SER D 80 -4.04 -1.09 -12.04
CA SER D 80 -5.10 -0.34 -11.37
C SER D 80 -6.40 -1.14 -11.33
N GLU D 81 -6.77 -1.73 -12.46
CA GLU D 81 -7.99 -2.52 -12.56
C GLU D 81 -7.98 -3.74 -11.66
N GLU D 82 -6.79 -4.32 -11.45
CA GLU D 82 -6.57 -5.49 -10.59
C GLU D 82 -6.43 -5.13 -9.12
N ASN D 83 -6.27 -3.85 -8.83
CA ASN D 83 -6.04 -3.37 -7.48
C ASN D 83 -7.04 -2.31 -7.07
N HIS D 84 -8.36 -2.64 -7.17
CA HIS D 84 -9.47 -1.73 -6.80
C HIS D 84 -9.33 -0.29 -7.31
N ASN D 85 -8.84 -0.15 -8.55
CA ASN D 85 -8.66 1.13 -9.22
C ASN D 85 -7.57 1.98 -8.59
N HIS D 86 -6.56 1.34 -7.96
CA HIS D 86 -5.42 2.01 -7.34
C HIS D 86 -4.08 1.52 -7.96
N ALA D 87 -3.45 2.35 -8.80
CA ALA D 87 -2.18 1.99 -9.43
C ALA D 87 -1.08 1.97 -8.36
N ASN D 88 -1.21 2.78 -7.28
CA ASN D 88 -0.18 2.91 -6.24
C ASN D 88 1.13 3.33 -6.93
N GLU D 89 1.06 4.41 -7.69
CA GLU D 89 2.22 4.94 -8.39
C GLU D 89 3.05 5.81 -7.44
N ARG D 90 4.38 5.69 -7.55
CA ARG D 90 5.29 6.50 -6.75
C ARG D 90 6.42 7.01 -7.60
N MET D 91 7.00 8.17 -7.22
CA MET D 91 8.21 8.69 -7.89
C MET D 91 9.37 8.15 -7.07
N LEU D 92 10.23 7.33 -7.70
CA LEU D 92 11.33 6.68 -6.99
C LEU D 92 12.65 6.77 -7.77
N PHE D 93 13.77 6.73 -7.06
CA PHE D 93 15.07 6.80 -7.71
C PHE D 93 15.54 5.44 -8.20
N HIS D 94 16.41 5.44 -9.22
CA HIS D 94 17.02 4.23 -9.77
C HIS D 94 18.44 4.55 -10.14
N GLY D 95 19.34 3.69 -9.71
CA GLY D 95 20.76 3.80 -10.01
C GLY D 95 21.18 2.62 -10.86
N SER D 96 21.91 2.89 -11.95
CA SER D 96 22.36 1.84 -12.85
C SER D 96 23.48 2.33 -13.73
N PRO D 97 24.43 1.43 -14.07
CA PRO D 97 25.44 1.80 -15.07
C PRO D 97 24.84 1.88 -16.48
N PHE D 98 23.58 1.43 -16.65
CA PHE D 98 22.92 1.36 -17.96
C PHE D 98 21.81 2.38 -18.18
N VAL D 99 21.89 3.56 -17.52
CA VAL D 99 20.87 4.61 -17.65
C VAL D 99 20.55 4.99 -19.11
N ASN D 100 21.59 5.09 -20.01
CA ASN D 100 21.35 5.42 -21.43
C ASN D 100 20.52 4.37 -22.14
N ALA D 101 20.79 3.10 -21.89
CA ALA D 101 20.00 2.02 -22.48
C ALA D 101 18.56 2.07 -21.93
N ILE D 102 18.39 2.38 -20.62
CA ILE D 102 17.04 2.43 -20.00
C ILE D 102 16.21 3.55 -20.63
N ILE D 103 16.81 4.73 -20.83
CA ILE D 103 16.09 5.86 -21.39
C ILE D 103 15.58 5.57 -22.80
N HIS D 104 16.36 4.81 -23.56
CA HIS D 104 15.99 4.49 -24.93
C HIS D 104 15.10 3.26 -25.05
N LYS D 105 15.43 2.18 -24.33
CA LYS D 105 14.74 0.90 -24.45
C LYS D 105 13.77 0.57 -23.33
N GLY D 106 13.86 1.29 -22.21
CA GLY D 106 13.04 1.04 -21.03
C GLY D 106 13.68 0.02 -20.10
N PHE D 107 13.03 -0.21 -18.97
CA PHE D 107 13.44 -1.22 -18.01
C PHE D 107 13.09 -2.61 -18.58
N ASP D 108 13.93 -3.59 -18.29
CA ASP D 108 13.72 -4.92 -18.86
C ASP D 108 14.04 -5.96 -17.81
N GLU D 109 13.01 -6.66 -17.31
CA GLU D 109 13.20 -7.69 -16.28
C GLU D 109 14.06 -8.86 -16.80
N ARG D 110 14.22 -9.02 -18.11
CA ARG D 110 15.06 -10.11 -18.63
C ARG D 110 16.56 -9.88 -18.29
N HIS D 111 16.91 -8.64 -17.90
CA HIS D 111 18.25 -8.29 -17.46
C HIS D 111 18.41 -8.40 -15.95
N ALA D 112 17.35 -8.85 -15.25
CA ALA D 112 17.33 -9.09 -13.81
C ALA D 112 17.43 -10.61 -13.54
N TYR D 113 18.38 -11.00 -12.71
CA TYR D 113 18.57 -12.39 -12.30
C TYR D 113 18.53 -12.44 -10.79
N ILE D 114 18.38 -13.64 -10.23
CA ILE D 114 18.39 -13.83 -8.78
C ILE D 114 19.78 -13.40 -8.21
N GLY D 115 19.93 -13.40 -6.91
CA GLY D 115 21.17 -12.92 -6.32
C GLY D 115 20.93 -11.60 -5.61
N GLY D 116 19.91 -10.88 -6.09
CA GLY D 116 19.46 -9.66 -5.44
C GLY D 116 18.73 -10.04 -4.17
N MET D 117 18.69 -9.09 -3.22
CA MET D 117 18.03 -9.15 -1.92
C MET D 117 16.61 -9.72 -2.04
N PHE D 118 15.84 -9.27 -3.07
CA PHE D 118 14.48 -9.77 -3.31
C PHE D 118 14.28 -10.47 -4.67
N GLY D 119 15.35 -11.11 -5.15
CA GLY D 119 15.36 -11.87 -6.38
C GLY D 119 15.44 -11.08 -7.67
N ALA D 120 14.90 -11.68 -8.75
CA ALA D 120 15.01 -11.21 -10.12
C ALA D 120 14.09 -10.04 -10.47
N GLY D 121 14.30 -8.94 -9.76
CA GLY D 121 13.50 -7.74 -9.98
C GLY D 121 14.34 -6.54 -10.36
N ILE D 122 13.63 -5.43 -10.57
CA ILE D 122 14.20 -4.14 -10.90
C ILE D 122 13.99 -3.31 -9.64
N TYR D 123 15.07 -2.75 -9.10
CA TYR D 123 15.11 -2.11 -7.78
C TYR D 123 15.08 -0.60 -7.80
N PHE D 124 14.26 -0.02 -6.93
CA PHE D 124 14.07 1.42 -6.80
C PHE D 124 14.13 1.85 -5.33
N ALA D 125 14.32 3.15 -5.09
CA ALA D 125 14.41 3.65 -3.72
C ALA D 125 13.76 4.99 -3.53
N GLU D 126 13.26 5.26 -2.31
CA GLU D 126 12.69 6.59 -2.03
C GLU D 126 13.79 7.55 -1.54
N ASN D 127 14.97 7.01 -1.22
CA ASN D 127 16.12 7.81 -0.77
C ASN D 127 17.14 7.84 -1.91
N SER D 128 17.45 9.05 -2.42
CA SER D 128 18.40 9.18 -3.54
C SER D 128 19.75 8.53 -3.23
N SER D 129 20.22 8.62 -1.98
CA SER D 129 21.50 8.05 -1.62
C SER D 129 21.51 6.52 -1.66
N LYS D 130 20.33 5.88 -1.50
CA LYS D 130 20.25 4.41 -1.63
C LYS D 130 20.48 4.07 -3.11
N SER D 131 19.80 4.77 -4.04
CA SER D 131 19.98 4.53 -5.49
C SER D 131 21.39 4.89 -5.95
N ASN D 132 22.02 5.90 -5.30
CA ASN D 132 23.41 6.26 -5.59
C ASN D 132 24.37 5.07 -5.37
N GLN D 133 24.01 4.11 -4.45
CA GLN D 133 24.81 2.90 -4.21
C GLN D 133 24.82 1.95 -5.43
N TYR D 134 23.84 2.12 -6.34
CA TYR D 134 23.65 1.25 -7.52
C TYR D 134 24.24 1.81 -8.85
N VAL D 135 24.64 3.11 -8.90
CA VAL D 135 25.12 3.81 -10.10
C VAL D 135 26.30 3.14 -10.81
N TYR D 136 27.27 2.67 -10.05
CA TYR D 136 28.45 2.04 -10.61
C TYR D 136 28.40 0.50 -10.55
N GLY D 137 27.25 -0.04 -10.19
CA GLY D 137 27.02 -1.48 -10.10
C GLY D 137 26.50 -1.91 -8.75
N ILE D 138 26.30 -3.22 -8.56
CA ILE D 138 25.80 -3.77 -7.29
C ILE D 138 26.86 -3.50 -6.21
N GLY D 139 26.43 -2.88 -5.11
CA GLY D 139 27.32 -2.47 -4.03
C GLY D 139 28.34 -1.43 -4.47
N GLY D 140 28.01 -0.69 -5.52
CA GLY D 140 28.89 0.33 -6.09
C GLY D 140 29.92 -0.20 -7.06
N GLY D 141 29.91 -1.52 -7.32
CA GLY D 141 30.88 -2.17 -8.20
C GLY D 141 32.30 -1.82 -7.82
N THR D 142 33.11 -1.38 -8.80
CA THR D 142 34.49 -0.93 -8.59
C THR D 142 34.56 0.60 -8.65
N GLY D 143 33.41 1.28 -8.54
CA GLY D 143 33.37 2.73 -8.57
C GLY D 143 33.46 3.31 -9.97
N CYS D 144 33.86 4.59 -10.08
CA CYS D 144 33.94 5.31 -11.34
C CYS D 144 34.88 4.63 -12.36
N PRO D 145 34.59 4.69 -13.69
CA PRO D 145 35.50 4.06 -14.67
C PRO D 145 36.93 4.63 -14.70
N VAL D 146 37.10 5.95 -14.49
CA VAL D 146 38.41 6.61 -14.55
C VAL D 146 39.33 6.33 -13.33
N HIS D 147 38.81 6.49 -12.09
CA HIS D 147 39.62 6.35 -10.87
C HIS D 147 39.37 5.07 -10.05
N LYS D 148 38.39 4.23 -10.44
CA LYS D 148 38.01 3.00 -9.71
C LYS D 148 37.74 3.33 -8.22
N ASP D 149 37.01 4.43 -8.00
CA ASP D 149 36.71 4.96 -6.68
C ASP D 149 35.19 5.09 -6.49
N ARG D 150 34.63 4.30 -5.54
CA ARG D 150 33.20 4.34 -5.21
C ARG D 150 32.83 5.69 -4.57
N SER D 151 33.82 6.38 -3.98
CA SER D 151 33.62 7.68 -3.36
C SER D 151 34.19 8.83 -4.22
N CYS D 152 34.30 8.65 -5.55
CA CYS D 152 34.85 9.69 -6.42
C CYS D 152 34.04 10.96 -6.34
N TYR D 153 34.72 12.09 -6.13
CA TYR D 153 34.13 13.43 -6.04
C TYR D 153 34.32 14.17 -7.35
N ILE D 154 35.11 13.58 -8.25
CA ILE D 154 35.46 14.21 -9.52
C ILE D 154 34.49 13.84 -10.63
N CYS D 155 34.31 12.52 -10.85
CA CYS D 155 33.47 12.00 -11.91
C CYS D 155 32.00 12.31 -11.74
N HIS D 156 31.37 12.71 -12.83
CA HIS D 156 29.96 13.06 -12.84
C HIS D 156 29.16 11.76 -12.91
N ARG D 157 28.15 11.64 -12.03
CA ARG D 157 27.28 10.47 -11.93
C ARG D 157 25.93 10.80 -12.51
N GLN D 158 25.15 9.75 -12.82
CA GLN D 158 23.78 9.97 -13.29
C GLN D 158 22.85 9.03 -12.57
N LEU D 159 21.68 9.53 -12.18
CA LEU D 159 20.62 8.76 -11.48
C LEU D 159 19.33 9.02 -12.26
N LEU D 160 18.36 8.08 -12.20
CA LEU D 160 17.05 8.32 -12.78
C LEU D 160 16.04 8.55 -11.68
N PHE D 161 15.07 9.44 -11.89
CA PHE D 161 13.92 9.65 -10.99
C PHE D 161 12.73 9.19 -11.82
N CYS D 162 12.12 8.07 -11.41
CA CYS D 162 11.16 7.31 -12.17
C CYS D 162 9.74 7.29 -11.66
N ARG D 163 8.78 7.12 -12.59
CA ARG D 163 7.38 6.86 -12.23
C ARG D 163 7.28 5.34 -12.10
N VAL D 164 6.85 4.82 -10.92
CA VAL D 164 6.83 3.38 -10.70
C VAL D 164 5.44 2.95 -10.25
N THR D 165 4.86 1.95 -10.91
CA THR D 165 3.57 1.40 -10.50
C THR D 165 3.83 0.25 -9.53
N LEU D 166 3.39 0.39 -8.28
CA LEU D 166 3.59 -0.66 -7.28
C LEU D 166 2.40 -1.57 -7.12
N GLY D 167 1.21 -1.10 -7.47
CA GLY D 167 -0.04 -1.84 -7.26
C GLY D 167 -0.13 -2.33 -5.82
N LYS D 168 -0.55 -3.59 -5.63
CA LYS D 168 -0.61 -4.18 -4.30
C LYS D 168 0.81 -4.66 -4.01
N SER D 169 1.49 -3.97 -3.10
CA SER D 169 2.89 -4.22 -2.84
C SER D 169 3.09 -5.16 -1.65
N PHE D 170 3.83 -6.26 -1.88
CA PHE D 170 4.08 -7.25 -0.83
C PHE D 170 5.16 -6.76 0.11
N LEU D 171 4.87 -6.78 1.41
CA LEU D 171 5.87 -6.33 2.38
C LEU D 171 6.82 -7.49 2.73
N GLN D 172 8.12 -7.19 2.75
CA GLN D 172 9.16 -8.17 3.04
C GLN D 172 10.30 -7.56 3.83
N PHE D 173 10.80 -8.27 4.85
CA PHE D 173 11.93 -7.78 5.66
C PHE D 173 13.21 -8.59 5.41
N SER D 174 13.09 -9.93 5.33
CA SER D 174 14.22 -10.83 5.11
C SER D 174 14.41 -11.13 3.62
N ALA D 175 15.65 -11.52 3.23
CA ALA D 175 16.00 -11.87 1.86
C ALA D 175 15.13 -13.03 1.35
N MET D 176 14.25 -12.73 0.37
CA MET D 176 13.34 -13.68 -0.25
C MET D 176 13.50 -13.57 -1.76
N LYS D 177 14.26 -14.51 -2.33
CA LYS D 177 14.57 -14.59 -3.75
C LYS D 177 13.33 -14.99 -4.55
N MET D 178 12.68 -13.99 -5.16
CA MET D 178 11.47 -14.16 -5.99
C MET D 178 11.84 -14.12 -7.45
N ALA D 179 11.07 -14.81 -8.29
CA ALA D 179 11.25 -14.68 -9.73
C ALA D 179 10.22 -13.66 -10.20
N HIS D 180 9.03 -13.66 -9.55
CA HIS D 180 7.93 -12.79 -9.95
C HIS D 180 7.32 -12.18 -8.69
N SER D 181 6.38 -11.25 -8.86
CA SER D 181 5.67 -10.73 -7.70
C SER D 181 4.94 -11.91 -7.03
N PRO D 182 4.77 -11.86 -5.70
CA PRO D 182 3.98 -12.89 -5.03
C PRO D 182 2.55 -12.95 -5.58
N PRO D 183 1.86 -14.11 -5.53
CA PRO D 183 0.49 -14.16 -6.06
C PRO D 183 -0.39 -13.02 -5.50
N GLY D 184 -1.21 -12.42 -6.37
CA GLY D 184 -2.11 -11.33 -6.01
C GLY D 184 -1.42 -9.99 -5.81
N HIS D 185 -0.09 -9.94 -6.01
CA HIS D 185 0.69 -8.70 -5.81
C HIS D 185 1.33 -8.20 -7.10
N HIS D 186 1.78 -6.95 -7.11
CA HIS D 186 2.38 -6.35 -8.32
C HIS D 186 3.80 -5.82 -8.10
N SER D 187 4.31 -5.93 -6.85
CA SER D 187 5.65 -5.45 -6.48
C SER D 187 5.99 -5.96 -5.09
N VAL D 188 7.23 -5.65 -4.66
CA VAL D 188 7.68 -5.96 -3.30
C VAL D 188 8.20 -4.69 -2.65
N THR D 189 7.76 -4.41 -1.41
CA THR D 189 8.31 -3.30 -0.60
C THR D 189 9.22 -4.00 0.40
N GLY D 190 10.51 -3.76 0.23
CA GLY D 190 11.49 -4.35 1.12
C GLY D 190 11.96 -3.36 2.17
N ARG D 191 11.99 -3.81 3.42
CA ARG D 191 12.55 -3.03 4.52
C ARG D 191 13.63 -3.95 5.15
N PRO D 192 14.84 -4.05 4.52
CA PRO D 192 15.87 -4.98 5.01
C PRO D 192 16.66 -4.43 6.19
N LEU D 199 16.47 0.19 2.67
CA LEU D 199 15.09 0.39 3.14
C LEU D 199 14.66 1.87 3.27
N ALA D 200 13.47 2.21 2.74
CA ALA D 200 12.61 1.31 1.96
C ALA D 200 13.05 1.20 0.50
N GLU D 201 13.06 -0.04 -0.03
CA GLU D 201 13.38 -0.36 -1.42
C GLU D 201 12.15 -1.00 -2.02
N TYR D 202 11.96 -0.77 -3.30
CA TYR D 202 10.76 -1.20 -4.05
C TYR D 202 11.24 -2.00 -5.24
N VAL D 203 10.61 -3.14 -5.45
CA VAL D 203 11.03 -4.06 -6.50
C VAL D 203 9.85 -4.40 -7.38
N ILE D 204 10.05 -4.28 -8.70
CA ILE D 204 9.06 -4.70 -9.69
C ILE D 204 9.67 -5.85 -10.47
N TYR D 205 8.83 -6.70 -11.04
CA TYR D 205 9.25 -7.89 -11.76
C TYR D 205 8.84 -7.86 -13.24
N ARG D 206 8.34 -6.69 -13.70
CA ARG D 206 7.92 -6.44 -15.08
C ARG D 206 8.46 -5.07 -15.43
N GLY D 207 9.28 -4.99 -16.47
CA GLY D 207 9.91 -3.74 -16.89
C GLY D 207 8.95 -2.63 -17.23
N GLU D 208 7.76 -3.00 -17.72
CA GLU D 208 6.78 -2.01 -18.12
C GLU D 208 6.12 -1.27 -16.94
N GLN D 209 6.42 -1.68 -15.70
CA GLN D 209 5.86 -1.04 -14.50
C GLN D 209 6.68 0.16 -14.03
N ALA D 210 7.64 0.63 -14.86
CA ALA D 210 8.36 1.85 -14.51
C ALA D 210 8.64 2.67 -15.77
N TYR D 211 8.69 3.99 -15.61
CA TYR D 211 8.98 4.94 -16.67
C TYR D 211 10.13 5.85 -16.20
N PRO D 212 11.25 5.91 -16.95
CA PRO D 212 12.38 6.78 -16.54
C PRO D 212 12.05 8.24 -16.89
N GLU D 213 11.52 9.01 -15.93
CA GLU D 213 11.04 10.37 -16.18
C GLU D 213 12.12 11.49 -16.14
N TYR D 214 13.06 11.40 -15.19
CA TYR D 214 14.11 12.44 -15.10
C TYR D 214 15.47 11.82 -15.05
N LEU D 215 16.43 12.44 -15.75
CA LEU D 215 17.82 12.01 -15.72
C LEU D 215 18.59 13.13 -14.98
N ILE D 216 19.22 12.78 -13.87
CA ILE D 216 19.92 13.72 -13.00
C ILE D 216 21.41 13.50 -13.11
N THR D 217 22.17 14.56 -13.48
CA THR D 217 23.64 14.50 -13.55
C THR D 217 24.17 15.23 -12.32
N TYR D 218 25.06 14.59 -11.56
CA TYR D 218 25.51 15.16 -10.30
C TYR D 218 26.86 14.63 -9.86
N GLN D 219 27.39 15.21 -8.80
CA GLN D 219 28.56 14.67 -8.12
C GLN D 219 28.17 14.55 -6.66
N ILE D 220 28.77 13.58 -5.97
CA ILE D 220 28.62 13.54 -4.52
C ILE D 220 29.64 14.58 -4.03
N MET D 221 29.36 15.25 -2.91
CA MET D 221 30.31 16.26 -2.42
C MET D 221 31.01 15.84 -1.16
N ARG D 222 32.33 16.16 -1.08
CA ARG D 222 33.18 15.87 0.08
C ARG D 222 32.59 16.59 1.30
N PRO D 223 32.27 15.89 2.42
CA PRO D 223 31.69 16.57 3.60
C PRO D 223 32.53 17.71 4.15
ZN ZN E . 22.32 32.80 19.64
C10 32Y F . 4.48 23.43 22.52
C11 32Y F . 4.03 23.16 23.90
C12 32Y F . 4.09 21.90 24.54
N01 32Y F . 3.65 20.44 26.48
C02 32Y F . 3.62 21.67 25.85
C03 32Y F . 3.01 22.80 26.56
C04 32Y F . 2.93 24.05 25.96
C05 32Y F . 3.46 24.24 24.64
O06 32Y F . 3.33 25.56 24.11
C07 32Y F . 3.77 25.79 22.76
O08 32Y F . 3.68 26.93 22.38
C09 32Y F . 4.27 24.65 21.98
I13 32Y F . 4.82 20.31 23.49
ZN ZN G . -10.91 -42.29 -9.94
C10 32Y H . 2.91 -28.61 -16.39
C11 32Y H . 4.23 -29.08 -16.89
C12 32Y H . 5.46 -28.99 -16.19
N01 32Y H . 7.89 -29.35 -16.06
C02 32Y H . 6.69 -29.42 -16.74
C03 32Y H . 6.69 -30.00 -18.08
C04 32Y H . 5.51 -30.09 -18.81
C05 32Y H . 4.28 -29.64 -18.20
O06 32Y H . 3.15 -29.79 -18.99
C07 32Y H . 1.90 -29.31 -18.54
O08 32Y H . 1.02 -29.42 -19.36
C09 32Y H . 1.83 -28.72 -17.20
I13 32Y H . 5.46 -28.14 -14.36
ZN ZN I . -28.11 -17.01 19.90
C10 32Y J . -12.77 -4.25 15.13
C11 32Y J . -11.41 -4.78 14.95
C12 32Y J . -10.35 -4.65 15.90
N01 32Y J . -7.99 -5.07 16.58
C02 32Y J . -9.05 -5.16 15.67
C03 32Y J . -8.78 -5.87 14.39
C04 32Y J . -9.80 -6.00 13.42
C05 32Y J . -11.11 -5.45 13.70
O06 32Y J . -12.08 -5.66 12.69
C07 32Y J . -13.40 -5.11 12.88
O08 32Y J . -14.15 -5.37 11.96
C09 32Y J . -13.69 -4.36 14.09
I13 32Y J . -10.76 -3.58 17.64
C1 GOL K . -4.35 -7.01 16.26
O1 GOL K . -5.28 -5.94 16.04
C2 GOL K . -5.03 -8.31 16.60
O2 GOL K . -4.10 -9.17 17.28
C3 GOL K . -5.48 -9.00 15.34
O3 GOL K . -6.41 -8.20 14.66
C1 GOL L . -15.04 3.96 16.41
O1 GOL L . -16.19 4.59 15.89
C2 GOL L . -15.41 2.60 16.97
O2 GOL L . -14.25 1.98 17.50
C3 GOL L . -15.99 1.73 15.87
O3 GOL L . -16.29 0.43 16.37
ZN ZN M . 36.38 9.22 -10.82
#